data_5Z7M
#
_entry.id   5Z7M
#
_cell.length_a   131.41
_cell.length_b   200.73
_cell.length_c   59.54
_cell.angle_alpha   90.0
_cell.angle_beta   90.0
_cell.angle_gamma   90.0
#
_symmetry.space_group_name_H-M   'C 2 2 21'
#
loop_
_entity.id
_entity.type
_entity.pdbx_description
1 polymer 'Chitinase A'
2 branched 2-acetamido-2-deoxy-beta-D-glucopyranose-(1-4)-2-acetamido-2-deoxy-beta-D-glucopyranose-(1-4)-2-acetamido-2-deoxy-beta-D-glucopyranose-(1-4)-2-acetamido-2-deoxy-beta-D-glucopyranose-(1-4)-2-acetamido-2-deoxy-beta-D-glucopyranose-(1-4)-2-acetamido-2-deoxy-alpha-D-glucopyranose
3 non-polymer GLYCEROL
4 non-polymer 2-acetamido-2-deoxy-beta-D-glucopyranose
5 water water
#
_entity_poly.entity_id   1
_entity_poly.type   'polypeptide(L)'
_entity_poly.pdbx_seq_one_letter_code
;AAPGKPTIAWGNTKFAIVEVDQAATAYNNLVKVKNAADVSVSWNLWNGDTGTTAKVLLNGKEAWSGPSTGSSGTANFKVN
KGGRYQMQVALCNADGCTASDATEIVVADTDGSHLAPLKEPLLEKNKPYKQNSGKVVGSYFVEWGVYGRNFTVDKIPAQN
LTHLLYGFIPICGGNGINDSLKEIEGSFQALQRSCQGREDFKVSIHDPFAALQKAQKGVTAWDDPYKGNFGQLMALKQAH
PDLKILPSIGGWTLSDPFFFMGDKVKRDRFVGSVKEFLQTWKFFDGVDIAWEFPGGKGANPNLGSPQDGETYVLLMKELR
AMLDQLSVETGRKYELTSAISAGKDMIDKVAYNVAQNSMDHIFLMSYDFYGAADLKNLGHQTALNAPAWKPDTAYTTVNG
VNALLAQGVKPGKIVVGTAMYGRGWTGVNGYQNNIPFTGTATGPVKGTWENGIVDYRQIAGQFMSGEWQYTYDATAEAPY
VFKPSTGDLITFDDARSVQAKGKYVLDKQLGGLFSAMIDADNGDILNSMNASLGNSAGVQHHHHHH
;
_entity_poly.pdbx_strand_id   A
#
loop_
_chem_comp.id
_chem_comp.type
_chem_comp.name
_chem_comp.formula
GOL non-polymer GLYCEROL 'C3 H8 O3'
NAG D-saccharide, beta linking 2-acetamido-2-deoxy-beta-D-glucopyranose 'C8 H15 N O6'
NDG D-saccharide, alpha linking 2-acetamido-2-deoxy-alpha-D-glucopyranose 'C8 H15 N O6'
#
# COMPACT_ATOMS: atom_id res chain seq x y z
N ALA A 1 -48.68 -17.00 31.84
CA ALA A 1 -48.28 -17.03 30.43
C ALA A 1 -46.92 -16.37 30.26
N ALA A 2 -46.23 -16.74 29.19
CA ALA A 2 -44.95 -16.12 28.82
C ALA A 2 -45.16 -14.63 28.52
N PRO A 3 -44.08 -13.83 28.56
CA PRO A 3 -44.29 -12.41 28.33
C PRO A 3 -44.75 -12.09 26.90
N GLY A 4 -45.25 -10.87 26.69
CA GLY A 4 -45.51 -10.38 25.34
C GLY A 4 -44.23 -10.30 24.50
N LYS A 5 -44.39 -10.21 23.19
CA LYS A 5 -43.27 -10.11 22.27
C LYS A 5 -42.80 -8.66 22.15
N PRO A 6 -41.55 -8.39 22.55
CA PRO A 6 -41.11 -7.00 22.49
C PRO A 6 -40.81 -6.53 21.06
N THR A 7 -40.87 -5.22 20.89
CA THR A 7 -40.57 -4.56 19.63
C THR A 7 -39.28 -3.78 19.83
N ILE A 8 -38.28 -4.07 19.01
CA ILE A 8 -37.01 -3.36 19.09
C ILE A 8 -37.22 -1.92 18.65
N ALA A 9 -36.68 -0.98 19.42
CA ALA A 9 -36.88 0.43 19.16
C ALA A 9 -36.03 0.83 17.94
N TRP A 10 -36.59 1.68 17.08
CA TRP A 10 -35.80 2.33 16.05
C TRP A 10 -34.62 3.03 16.70
N GLY A 11 -33.45 2.90 16.10
CA GLY A 11 -32.26 3.52 16.68
C GLY A 11 -31.04 3.14 15.87
N ASN A 12 -29.91 3.75 16.21
CA ASN A 12 -28.65 3.43 15.56
C ASN A 12 -28.34 1.93 15.70
N THR A 13 -27.96 1.30 14.59
CA THR A 13 -27.54 -0.10 14.65
C THR A 13 -26.09 -0.31 14.17
N LYS A 14 -25.35 0.79 14.00
CA LYS A 14 -23.98 0.68 13.49
C LYS A 14 -22.99 1.14 14.54
N PHE A 15 -22.04 0.27 14.87
CA PHE A 15 -21.13 0.51 15.99
C PHE A 15 -19.72 0.19 15.53
N ALA A 16 -18.72 0.64 16.29
CA ALA A 16 -17.35 0.45 15.86
C ALA A 16 -16.40 0.17 17.03
N ILE A 17 -15.54 -0.80 16.85
CA ILE A 17 -14.52 -1.14 17.84
C ILE A 17 -13.40 -0.10 17.83
N VAL A 18 -12.97 0.29 16.64
CA VAL A 18 -12.07 1.42 16.48
C VAL A 18 -12.90 2.60 15.98
N GLU A 19 -13.00 3.63 16.82
CA GLU A 19 -13.82 4.78 16.47
C GLU A 19 -13.01 5.83 15.73
N VAL A 20 -13.67 6.54 14.83
CA VAL A 20 -13.06 7.62 14.09
C VAL A 20 -13.79 8.92 14.43
N ASP A 21 -13.01 9.90 14.90
CA ASP A 21 -13.53 11.21 15.21
C ASP A 21 -13.67 11.99 13.90
N GLN A 22 -14.91 12.37 13.56
CA GLN A 22 -15.18 13.00 12.26
C GLN A 22 -14.87 14.49 12.25
N ALA A 23 -14.51 15.04 13.40
CA ALA A 23 -14.10 16.45 13.47
C ALA A 23 -12.71 16.58 14.08
N ALA A 24 -11.73 15.94 13.47
CA ALA A 24 -10.36 15.99 13.96
C ALA A 24 -9.36 15.90 12.81
N THR A 25 -8.32 16.70 12.85
CA THR A 25 -7.32 16.64 11.79
C THR A 25 -6.01 16.05 12.30
N ALA A 26 -5.88 15.93 13.61
CA ALA A 26 -4.68 15.34 14.23
C ALA A 26 -4.88 13.84 14.38
N TYR A 27 -3.89 13.06 13.92
CA TYR A 27 -3.97 11.62 13.96
C TYR A 27 -4.26 11.10 15.38
N ASN A 28 -3.66 11.72 16.38
CA ASN A 28 -3.90 11.33 17.79
C ASN A 28 -5.39 11.39 18.17
N ASN A 29 -6.11 12.37 17.64
CA ASN A 29 -7.52 12.54 17.95
C ASN A 29 -8.41 11.78 16.97
N LEU A 30 -7.92 11.60 15.76
CA LEU A 30 -8.69 11.01 14.67
C LEU A 30 -9.20 9.61 15.00
N VAL A 31 -8.35 8.82 15.64
CA VAL A 31 -8.65 7.42 15.81
C VAL A 31 -8.61 7.05 17.28
N LYS A 32 -9.62 6.30 17.71
CA LYS A 32 -9.68 5.81 19.08
C LYS A 32 -9.88 4.31 19.09
N VAL A 33 -8.84 3.57 19.46
CA VAL A 33 -8.94 2.11 19.55
C VAL A 33 -9.53 1.72 20.90
N LYS A 34 -10.59 0.92 20.88
CA LYS A 34 -11.19 0.41 22.11
C LYS A 34 -11.06 -1.10 22.14
N ASN A 35 -11.21 -1.71 23.32
CA ASN A 35 -11.21 -3.18 23.42
C ASN A 35 -12.47 -3.78 22.83
N ALA A 36 -13.52 -2.97 22.75
CA ALA A 36 -14.82 -3.45 22.31
C ALA A 36 -15.70 -2.28 21.94
N ALA A 37 -16.69 -2.55 21.10
CA ALA A 37 -17.65 -1.52 20.70
C ALA A 37 -18.70 -1.35 21.79
N ASP A 38 -19.09 -0.11 22.07
CA ASP A 38 -20.22 0.18 22.95
C ASP A 38 -21.51 0.13 22.15
N VAL A 39 -22.36 -0.83 22.49
CA VAL A 39 -23.56 -1.10 21.71
C VAL A 39 -24.76 -0.77 22.59
N SER A 40 -25.82 -0.26 21.98
CA SER A 40 -27.03 0.06 22.75
C SER A 40 -28.25 -0.42 21.98
N VAL A 41 -29.25 -0.93 22.71
CA VAL A 41 -30.52 -1.32 22.10
C VAL A 41 -31.64 -0.92 23.06
N SER A 42 -32.77 -0.50 22.50
CA SER A 42 -33.96 -0.24 23.29
C SER A 42 -35.15 -1.03 22.74
N TRP A 43 -36.21 -1.12 23.53
CA TRP A 43 -37.39 -1.87 23.10
C TRP A 43 -38.64 -1.32 23.79
N ASN A 44 -39.78 -1.59 23.16
CA ASN A 44 -41.09 -1.34 23.72
C ASN A 44 -41.89 -2.62 23.74
N LEU A 45 -42.80 -2.74 24.69
CA LEU A 45 -43.73 -3.85 24.69
C LEU A 45 -45.14 -3.29 24.60
N TRP A 46 -45.78 -3.53 23.46
CA TRP A 46 -47.10 -2.97 23.20
C TRP A 46 -48.23 -3.91 23.65
N ASN A 47 -47.98 -5.22 23.61
CA ASN A 47 -49.01 -6.21 23.93
C ASN A 47 -48.57 -7.24 24.98
N GLY A 48 -49.17 -7.17 26.16
CA GLY A 48 -48.96 -8.20 27.17
C GLY A 48 -48.16 -7.83 28.41
N ASP A 49 -47.72 -8.87 29.10
CA ASP A 49 -46.93 -8.79 30.32
C ASP A 49 -45.46 -8.55 29.93
N THR A 50 -44.77 -7.64 30.62
CA THR A 50 -43.41 -7.29 30.24
C THR A 50 -42.37 -8.28 30.74
N GLY A 51 -42.81 -9.36 31.40
CA GLY A 51 -41.87 -10.33 31.94
C GLY A 51 -41.10 -9.85 33.16
N THR A 52 -40.14 -10.64 33.64
N THR A 52 -40.15 -10.68 33.59
CA THR A 52 -39.33 -10.16 34.78
CA THR A 52 -39.34 -10.47 34.77
C THR A 52 -37.83 -10.07 34.47
C THR A 52 -37.92 -10.04 34.40
N THR A 53 -37.40 -10.68 33.36
CA THR A 53 -36.02 -10.51 32.93
C THR A 53 -35.97 -10.11 31.45
N ALA A 54 -35.15 -9.12 31.12
CA ALA A 54 -34.95 -8.75 29.72
C ALA A 54 -33.54 -9.15 29.29
N LYS A 55 -33.43 -9.69 28.08
CA LYS A 55 -32.14 -10.14 27.56
C LYS A 55 -31.91 -9.59 26.16
N VAL A 56 -30.66 -9.24 25.86
CA VAL A 56 -30.28 -8.99 24.48
C VAL A 56 -29.46 -10.17 23.98
N LEU A 57 -29.92 -10.77 22.88
CA LEU A 57 -29.23 -11.88 22.24
C LEU A 57 -28.54 -11.44 20.95
N LEU A 58 -27.33 -11.96 20.73
CA LEU A 58 -26.65 -11.81 19.44
C LEU A 58 -26.49 -13.20 18.85
N ASN A 59 -27.17 -13.46 17.73
CA ASN A 59 -27.20 -14.80 17.14
C ASN A 59 -27.58 -15.84 18.19
N GLY A 60 -28.57 -15.51 19.01
CA GLY A 60 -29.07 -16.44 20.02
C GLY A 60 -28.31 -16.44 21.32
N LYS A 61 -27.16 -15.77 21.38
CA LYS A 61 -26.36 -15.81 22.59
C LYS A 61 -26.47 -14.52 23.39
N GLU A 62 -26.70 -14.64 24.68
CA GLU A 62 -26.91 -13.49 25.56
C GLU A 62 -25.71 -12.55 25.65
N ALA A 63 -25.95 -11.29 25.34
CA ALA A 63 -24.92 -10.25 25.43
C ALA A 63 -25.19 -9.33 26.61
N TRP A 64 -26.41 -9.40 27.14
CA TRP A 64 -26.85 -8.52 28.23
C TRP A 64 -28.11 -9.08 28.86
N SER A 65 -28.25 -8.88 30.16
CA SER A 65 -29.46 -9.31 30.87
C SER A 65 -29.72 -8.33 32.00
N GLY A 66 -31.00 -8.07 32.30
CA GLY A 66 -31.33 -7.19 33.39
C GLY A 66 -32.79 -7.39 33.75
N PRO A 67 -33.22 -6.82 34.87
CA PRO A 67 -34.63 -6.94 35.24
C PRO A 67 -35.53 -6.16 34.28
N SER A 68 -36.69 -6.72 33.95
CA SER A 68 -37.62 -6.06 33.06
C SER A 68 -38.59 -5.25 33.90
N THR A 69 -38.43 -3.92 33.90
CA THR A 69 -39.11 -3.09 34.90
C THR A 69 -40.22 -2.20 34.35
N GLY A 70 -40.43 -2.23 33.04
CA GLY A 70 -41.46 -1.41 32.45
C GLY A 70 -41.75 -1.79 31.03
N SER A 71 -42.64 -1.04 30.40
CA SER A 71 -43.04 -1.31 29.03
C SER A 71 -41.97 -0.91 28.05
N SER A 72 -40.97 -0.15 28.49
CA SER A 72 -39.80 0.18 27.65
C SER A 72 -38.53 -0.09 28.41
N GLY A 73 -37.44 -0.35 27.70
CA GLY A 73 -36.16 -0.60 28.33
C GLY A 73 -35.01 -0.23 27.41
N THR A 74 -33.84 -0.08 28.01
CA THR A 74 -32.63 0.20 27.26
C THR A 74 -31.50 -0.67 27.81
N ALA A 75 -30.68 -1.24 26.93
CA ALA A 75 -29.51 -2.02 27.33
C ALA A 75 -28.24 -1.45 26.71
N ASN A 76 -27.17 -1.34 27.50
CA ASN A 76 -25.87 -0.94 26.99
C ASN A 76 -24.89 -2.05 27.30
N PHE A 77 -24.12 -2.48 26.31
CA PHE A 77 -23.19 -3.57 26.52
C PHE A 77 -22.04 -3.46 25.53
N LYS A 78 -21.06 -4.34 25.69
CA LYS A 78 -19.90 -4.29 24.83
C LYS A 78 -19.88 -5.49 23.91
N VAL A 79 -19.37 -5.29 22.69
CA VAL A 79 -19.17 -6.38 21.74
C VAL A 79 -17.74 -6.30 21.22
N ASN A 80 -16.97 -7.37 21.37
CA ASN A 80 -15.53 -7.26 21.11
C ASN A 80 -15.07 -7.95 19.84
N LYS A 81 -16.02 -8.34 19.00
CA LYS A 81 -15.66 -8.93 17.73
C LYS A 81 -16.45 -8.28 16.59
N GLY A 82 -15.73 -7.89 15.54
CA GLY A 82 -16.35 -7.24 14.39
C GLY A 82 -17.22 -8.18 13.58
N GLY A 83 -18.24 -7.63 12.94
CA GLY A 83 -19.10 -8.42 12.09
C GLY A 83 -20.53 -7.94 12.11
N ARG A 84 -21.42 -8.75 11.54
CA ARG A 84 -22.84 -8.44 11.54
C ARG A 84 -23.55 -9.48 12.37
N TYR A 85 -24.49 -9.02 13.21
CA TYR A 85 -25.16 -9.90 14.16
C TYR A 85 -26.67 -9.81 14.05
N GLN A 86 -27.35 -10.94 14.22
CA GLN A 86 -28.80 -10.94 14.33
C GLN A 86 -29.15 -10.69 15.79
N MET A 87 -29.54 -9.45 16.10
CA MET A 87 -29.81 -9.06 17.48
C MET A 87 -31.29 -9.22 17.78
N GLN A 88 -31.60 -9.80 18.95
CA GLN A 88 -32.96 -9.87 19.45
C GLN A 88 -33.05 -9.39 20.89
N VAL A 89 -34.22 -8.88 21.28
CA VAL A 89 -34.53 -8.66 22.69
C VAL A 89 -35.52 -9.75 23.10
N ALA A 90 -35.24 -10.41 24.22
CA ALA A 90 -36.17 -11.41 24.75
C ALA A 90 -36.64 -10.99 26.13
N LEU A 91 -37.94 -11.16 26.36
CA LEU A 91 -38.50 -10.98 27.69
C LEU A 91 -38.85 -12.35 28.25
N CYS A 92 -38.40 -12.60 29.47
CA CYS A 92 -38.58 -13.91 30.12
C CYS A 92 -39.30 -13.82 31.45
N ASN A 93 -40.12 -14.82 31.72
CA ASN A 93 -40.61 -15.05 33.08
C ASN A 93 -40.63 -16.55 33.33
N ALA A 94 -41.19 -16.96 34.47
CA ALA A 94 -41.15 -18.37 34.83
C ALA A 94 -41.89 -19.26 33.82
N ASP A 95 -42.86 -18.69 33.12
CA ASP A 95 -43.64 -19.42 32.10
C ASP A 95 -43.01 -19.47 30.71
N GLY A 96 -41.90 -18.77 30.51
CA GLY A 96 -41.25 -18.83 29.20
C GLY A 96 -40.57 -17.54 28.75
N CYS A 97 -39.89 -17.62 27.61
CA CYS A 97 -39.20 -16.48 27.01
C CYS A 97 -39.81 -16.17 25.67
N THR A 98 -39.97 -14.88 25.38
CA THR A 98 -40.58 -14.45 24.14
C THR A 98 -39.60 -13.49 23.45
N ALA A 99 -39.10 -13.89 22.29
CA ALA A 99 -38.08 -13.11 21.59
C ALA A 99 -38.66 -12.22 20.51
N SER A 100 -38.10 -11.01 20.37
CA SER A 100 -38.45 -10.11 19.28
C SER A 100 -38.07 -10.71 17.93
N ASP A 101 -38.57 -10.14 16.84
CA ASP A 101 -37.94 -10.33 15.55
C ASP A 101 -36.49 -9.83 15.61
N ALA A 102 -35.64 -10.38 14.75
CA ALA A 102 -34.24 -9.99 14.72
C ALA A 102 -34.04 -8.66 13.99
N THR A 103 -33.12 -7.87 14.50
CA THR A 103 -32.64 -6.66 13.86
C THR A 103 -31.13 -6.84 13.67
N GLU A 104 -30.64 -6.61 12.46
CA GLU A 104 -29.21 -6.76 12.25
C GLU A 104 -28.47 -5.58 12.83
N ILE A 105 -27.38 -5.84 13.55
CA ILE A 105 -26.49 -4.76 13.91
C ILE A 105 -25.11 -5.00 13.31
N VAL A 106 -24.39 -3.90 13.11
CA VAL A 106 -23.07 -3.93 12.51
C VAL A 106 -22.06 -3.47 13.53
N VAL A 107 -21.04 -4.29 13.75
CA VAL A 107 -19.94 -3.91 14.63
C VAL A 107 -18.69 -3.82 13.77
N ALA A 108 -18.22 -2.60 13.54
CA ALA A 108 -17.09 -2.39 12.64
C ALA A 108 -15.75 -2.64 13.31
N ASP A 109 -14.80 -3.14 12.54
CA ASP A 109 -13.43 -3.26 13.03
C ASP A 109 -12.51 -3.14 11.80
N THR A 110 -11.23 -2.88 12.04
CA THR A 110 -10.37 -2.47 10.94
C THR A 110 -9.82 -3.67 10.17
N ASP A 111 -10.31 -4.87 10.48
CA ASP A 111 -10.03 -6.00 9.60
C ASP A 111 -11.06 -6.02 8.46
N GLY A 112 -12.07 -5.15 8.54
CA GLY A 112 -13.10 -5.11 7.52
C GLY A 112 -14.16 -6.21 7.67
N SER A 113 -14.22 -6.80 8.85
CA SER A 113 -15.18 -7.89 9.13
C SER A 113 -16.64 -7.45 8.97
N HIS A 114 -16.89 -6.15 9.07
CA HIS A 114 -18.23 -5.58 8.88
C HIS A 114 -18.59 -5.26 7.42
N LEU A 115 -17.63 -5.42 6.50
CA LEU A 115 -17.81 -4.95 5.13
C LEU A 115 -18.12 -6.04 4.13
N ALA A 116 -19.00 -5.73 3.19
CA ALA A 116 -19.16 -6.58 2.02
C ALA A 116 -17.87 -6.58 1.22
N PRO A 117 -17.51 -7.72 0.63
CA PRO A 117 -16.28 -7.83 -0.16
C PRO A 117 -16.27 -6.84 -1.34
N LEU A 118 -15.15 -6.15 -1.53
CA LEU A 118 -15.00 -5.27 -2.68
C LEU A 118 -14.47 -6.12 -3.82
N LYS A 119 -15.38 -6.65 -4.63
N LYS A 119 -15.41 -6.58 -4.64
CA LYS A 119 -15.02 -7.55 -5.71
CA LYS A 119 -15.16 -7.53 -5.71
C LYS A 119 -15.46 -6.94 -7.04
C LYS A 119 -15.52 -6.88 -7.03
N GLU A 120 -14.59 -6.10 -7.59
CA GLU A 120 -14.91 -5.30 -8.75
C GLU A 120 -14.41 -5.90 -10.04
N PRO A 121 -15.13 -5.66 -11.14
CA PRO A 121 -14.68 -6.09 -12.47
C PRO A 121 -13.35 -5.48 -12.87
N LEU A 122 -12.55 -6.25 -13.60
CA LEU A 122 -11.33 -5.74 -14.18
C LEU A 122 -11.63 -4.66 -15.21
N LEU A 123 -10.86 -3.59 -15.17
CA LEU A 123 -11.07 -2.46 -16.07
C LEU A 123 -10.00 -2.42 -17.15
N GLU A 124 -10.20 -1.52 -18.11
CA GLU A 124 -9.26 -1.30 -19.21
C GLU A 124 -8.83 -2.63 -19.83
N LYS A 125 -7.53 -2.82 -20.00
N LYS A 125 -7.51 -2.81 -20.00
CA LYS A 125 -7.02 -4.01 -20.70
CA LYS A 125 -6.99 -3.98 -20.69
C LYS A 125 -6.67 -5.15 -19.74
C LYS A 125 -6.66 -5.14 -19.74
N ASN A 126 -6.94 -4.96 -18.46
CA ASN A 126 -6.62 -5.98 -17.46
C ASN A 126 -7.36 -7.28 -17.71
N LYS A 127 -6.63 -8.40 -17.69
CA LYS A 127 -7.21 -9.74 -17.88
C LYS A 127 -6.96 -10.58 -16.63
N PRO A 128 -7.85 -11.53 -16.34
CA PRO A 128 -7.72 -12.27 -15.07
C PRO A 128 -6.61 -13.32 -15.08
N TYR A 129 -5.82 -13.34 -14.01
CA TYR A 129 -4.83 -14.40 -13.79
C TYR A 129 -5.03 -15.04 -12.44
N LYS A 130 -4.65 -16.30 -12.33
CA LYS A 130 -4.59 -16.99 -11.05
C LYS A 130 -3.20 -16.80 -10.47
N GLN A 131 -3.10 -16.59 -9.17
CA GLN A 131 -1.77 -16.47 -8.55
C GLN A 131 -1.23 -17.85 -8.19
N ASN A 132 -0.77 -18.60 -9.19
CA ASN A 132 -0.32 -19.96 -8.91
C ASN A 132 1.13 -20.25 -9.29
N SER A 133 1.87 -19.21 -9.67
CA SER A 133 3.28 -19.41 -9.99
C SER A 133 4.14 -19.56 -8.74
N GLY A 134 3.63 -19.12 -7.60
CA GLY A 134 4.45 -19.03 -6.41
C GLY A 134 5.40 -17.85 -6.43
N LYS A 135 5.23 -16.94 -7.39
CA LYS A 135 6.13 -15.79 -7.46
C LYS A 135 5.41 -14.54 -6.94
N VAL A 136 6.19 -13.57 -6.49
CA VAL A 136 5.62 -12.30 -6.08
C VAL A 136 5.13 -11.55 -7.31
N VAL A 137 3.92 -11.00 -7.23
CA VAL A 137 3.46 -10.04 -8.22
C VAL A 137 2.93 -8.82 -7.47
N GLY A 138 3.72 -7.76 -7.42
CA GLY A 138 3.39 -6.63 -6.55
C GLY A 138 3.22 -5.30 -7.27
N SER A 139 2.53 -4.38 -6.61
CA SER A 139 2.44 -3.03 -7.11
C SER A 139 2.17 -2.06 -5.97
N TYR A 140 2.64 -0.83 -6.13
CA TYR A 140 2.38 0.28 -5.21
C TYR A 140 1.17 1.08 -5.68
N PHE A 141 0.33 1.46 -4.72
CA PHE A 141 -0.81 2.36 -4.93
C PHE A 141 -0.53 3.63 -4.12
N VAL A 142 -0.63 4.81 -4.74
CA VAL A 142 -0.31 6.05 -4.00
C VAL A 142 -1.56 6.71 -3.43
N GLU A 143 -1.43 7.15 -2.20
CA GLU A 143 -2.53 7.73 -1.42
C GLU A 143 -3.25 8.86 -2.15
N TRP A 144 -2.46 9.76 -2.76
CA TRP A 144 -3.01 10.94 -3.45
C TRP A 144 -3.52 10.64 -4.86
N GLY A 145 -3.44 9.38 -5.29
CA GLY A 145 -3.87 9.01 -6.63
C GLY A 145 -5.38 9.13 -6.84
N VAL A 146 -6.11 9.27 -5.74
CA VAL A 146 -7.56 9.38 -5.77
C VAL A 146 -8.04 10.79 -6.16
N TYR A 147 -7.12 11.74 -6.26
CA TYR A 147 -7.51 13.10 -6.62
C TYR A 147 -7.46 13.25 -8.13
N GLY A 148 -6.50 14.02 -8.66
CA GLY A 148 -6.39 14.24 -10.09
C GLY A 148 -6.40 12.99 -10.96
N ARG A 149 -5.64 11.97 -10.56
CA ARG A 149 -5.57 10.73 -11.31
C ARG A 149 -6.86 9.92 -11.23
N ASN A 150 -7.67 10.21 -10.22
CA ASN A 150 -8.95 9.55 -9.99
C ASN A 150 -8.84 8.04 -9.91
N PHE A 151 -7.71 7.55 -9.40
CA PHE A 151 -7.50 6.12 -9.37
C PHE A 151 -7.68 5.63 -7.95
N THR A 152 -8.82 4.98 -7.71
CA THR A 152 -9.23 4.57 -6.38
C THR A 152 -9.02 3.07 -6.20
N VAL A 153 -9.18 2.60 -4.97
CA VAL A 153 -8.88 1.20 -4.63
C VAL A 153 -9.77 0.23 -5.42
N ASP A 154 -11.00 0.63 -5.71
CA ASP A 154 -11.90 -0.24 -6.48
C ASP A 154 -11.44 -0.42 -7.92
N LYS A 155 -10.48 0.38 -8.36
CA LYS A 155 -9.91 0.24 -9.71
C LYS A 155 -8.66 -0.63 -9.74
N ILE A 156 -8.16 -1.01 -8.58
CA ILE A 156 -7.02 -1.93 -8.51
C ILE A 156 -7.42 -3.31 -9.05
N PRO A 157 -6.66 -3.85 -10.02
CA PRO A 157 -6.91 -5.23 -10.51
C PRO A 157 -6.36 -6.27 -9.50
N ALA A 158 -7.04 -6.35 -8.35
CA ALA A 158 -6.48 -6.98 -7.17
C ALA A 158 -6.22 -8.48 -7.30
N GLN A 159 -7.05 -9.16 -8.08
CA GLN A 159 -6.86 -10.61 -8.25
C GLN A 159 -5.53 -10.92 -8.96
N ASN A 160 -4.97 -9.92 -9.64
CA ASN A 160 -3.73 -10.09 -10.39
C ASN A 160 -2.47 -9.70 -9.64
N LEU A 161 -2.58 -9.59 -8.31
CA LEU A 161 -1.47 -9.25 -7.42
C LEU A 161 -1.32 -10.27 -6.31
N THR A 162 -0.09 -10.44 -5.80
CA THR A 162 0.11 -11.10 -4.52
C THR A 162 0.32 -10.06 -3.42
N HIS A 163 0.87 -8.92 -3.81
CA HIS A 163 1.24 -7.87 -2.87
C HIS A 163 0.77 -6.50 -3.35
N LEU A 164 0.09 -5.77 -2.47
CA LEU A 164 -0.35 -4.42 -2.75
C LEU A 164 0.28 -3.52 -1.70
N LEU A 165 1.12 -2.59 -2.14
CA LEU A 165 1.80 -1.71 -1.22
C LEU A 165 1.18 -0.33 -1.24
N TYR A 166 0.92 0.21 -0.05
CA TYR A 166 0.29 1.50 0.08
C TYR A 166 1.31 2.59 0.32
N GLY A 167 1.50 3.45 -0.67
CA GLY A 167 2.43 4.56 -0.53
C GLY A 167 1.74 5.89 -0.27
N PHE A 168 2.14 6.63 0.77
CA PHE A 168 3.20 6.27 1.70
C PHE A 168 2.83 6.74 3.09
N ILE A 169 3.23 5.96 4.09
CA ILE A 169 3.05 6.33 5.48
C ILE A 169 4.21 7.21 5.95
N PRO A 170 3.90 8.40 6.47
CA PRO A 170 4.95 9.32 6.90
C PRO A 170 5.44 9.04 8.31
N ILE A 171 6.57 9.61 8.68
CA ILE A 171 7.08 9.56 10.04
C ILE A 171 7.03 10.99 10.59
N CYS A 172 6.41 11.18 11.76
CA CYS A 172 6.23 12.53 12.30
C CYS A 172 7.55 13.28 12.53
N GLY A 173 7.53 14.59 12.31
CA GLY A 173 8.70 15.41 12.57
C GLY A 173 8.61 16.71 11.78
N GLY A 174 8.99 17.81 12.41
CA GLY A 174 8.97 19.12 11.76
C GLY A 174 10.31 19.51 11.16
N ASN A 175 10.73 20.74 11.45
CA ASN A 175 11.98 21.29 10.90
C ASN A 175 13.17 20.37 11.16
N GLY A 176 13.98 20.16 10.12
CA GLY A 176 15.14 19.29 10.21
C GLY A 176 14.84 17.80 10.11
N ILE A 177 13.58 17.41 10.25
CA ILE A 177 13.22 15.98 10.26
C ILE A 177 12.47 15.58 8.98
N ASN A 178 11.60 16.45 8.48
CA ASN A 178 10.95 16.20 7.19
C ASN A 178 11.10 17.37 6.20
N ASP A 179 12.29 17.95 6.13
CA ASP A 179 12.51 19.13 5.28
C ASP A 179 12.27 18.84 3.79
N SER A 180 12.47 17.60 3.36
CA SER A 180 12.21 17.27 1.96
C SER A 180 10.75 17.54 1.54
N LEU A 181 9.80 17.42 2.46
N LEU A 181 9.81 17.44 2.47
CA LEU A 181 8.39 17.69 2.16
CA LEU A 181 8.40 17.71 2.20
C LEU A 181 8.12 19.14 1.79
C LEU A 181 8.14 19.14 1.78
N LYS A 182 8.97 20.05 2.27
CA LYS A 182 8.77 21.47 2.03
C LYS A 182 8.83 21.82 0.56
N GLU A 183 9.42 20.93 -0.24
CA GLU A 183 9.51 21.14 -1.68
C GLU A 183 8.17 20.96 -2.39
N ILE A 184 7.20 20.40 -1.69
CA ILE A 184 5.85 20.19 -2.23
C ILE A 184 4.88 21.12 -1.51
N GLU A 185 4.25 22.02 -2.25
CA GLU A 185 3.39 23.04 -1.65
C GLU A 185 2.34 22.46 -0.72
N GLY A 186 2.34 22.93 0.53
CA GLY A 186 1.36 22.51 1.52
C GLY A 186 1.62 21.17 2.17
N SER A 187 2.56 20.39 1.63
CA SER A 187 2.71 19.00 2.08
C SER A 187 3.34 18.88 3.47
N PHE A 188 4.41 19.64 3.72
CA PHE A 188 5.03 19.71 5.04
C PHE A 188 4.01 20.15 6.09
N GLN A 189 3.25 21.19 5.76
CA GLN A 189 2.24 21.70 6.69
C GLN A 189 1.15 20.67 6.98
N ALA A 190 0.74 19.92 5.97
CA ALA A 190 -0.27 18.88 6.16
C ALA A 190 0.23 17.86 7.18
N LEU A 191 1.49 17.45 7.06
CA LEU A 191 2.04 16.48 7.98
C LEU A 191 2.07 17.06 9.41
N GLN A 192 2.43 18.33 9.55
CA GLN A 192 2.56 18.92 10.88
C GLN A 192 1.20 18.93 11.57
N ARG A 193 0.17 19.19 10.79
CA ARG A 193 -1.19 19.20 11.32
C ARG A 193 -1.60 17.79 11.74
N SER A 194 -1.27 16.81 10.89
CA SER A 194 -1.59 15.43 11.22
C SER A 194 -0.88 14.96 12.49
N CYS A 195 0.36 15.42 12.67
CA CYS A 195 1.20 15.00 13.78
C CYS A 195 1.12 15.91 15.00
N GLN A 196 0.15 16.83 15.03
CA GLN A 196 0.03 17.73 16.19
C GLN A 196 -0.19 16.96 17.48
N GLY A 197 0.61 17.27 18.50
CA GLY A 197 0.55 16.58 19.78
C GLY A 197 1.15 15.19 19.75
N ARG A 198 1.78 14.83 18.64
CA ARG A 198 2.33 13.49 18.43
C ARG A 198 3.86 13.53 18.38
N GLU A 199 4.53 12.62 19.09
CA GLU A 199 5.99 12.68 19.17
C GLU A 199 6.68 12.46 17.82
N ASP A 200 7.76 13.22 17.58
CA ASP A 200 8.68 12.97 16.48
C ASP A 200 8.99 11.48 16.40
N PHE A 201 9.08 10.98 15.17
CA PHE A 201 9.54 9.63 14.84
C PHE A 201 8.52 8.52 15.11
N LYS A 202 7.28 8.90 15.42
CA LYS A 202 6.16 7.96 15.34
C LYS A 202 5.49 8.06 13.96
N VAL A 203 4.94 6.95 13.45
CA VAL A 203 4.23 7.01 12.16
C VAL A 203 2.92 7.75 12.34
N SER A 204 2.38 8.24 11.22
CA SER A 204 1.07 8.88 11.18
C SER A 204 0.45 8.61 9.81
N ILE A 205 -0.56 9.41 9.46
CA ILE A 205 -1.15 9.33 8.13
C ILE A 205 -1.01 10.72 7.51
N HIS A 206 -0.48 10.78 6.30
CA HIS A 206 -0.18 12.07 5.69
C HIS A 206 -1.46 12.83 5.33
N ASP A 207 -2.40 12.12 4.69
CA ASP A 207 -3.65 12.72 4.24
C ASP A 207 -4.80 11.89 4.78
N PRO A 208 -5.22 12.19 6.02
CA PRO A 208 -6.32 11.44 6.67
C PRO A 208 -7.61 11.51 5.86
N PHE A 209 -7.82 12.58 5.09
CA PHE A 209 -9.06 12.66 4.30
C PHE A 209 -9.08 11.55 3.24
N ALA A 210 -8.05 11.53 2.40
CA ALA A 210 -7.92 10.49 1.40
C ALA A 210 -7.92 9.08 2.03
N ALA A 211 -7.23 8.94 3.15
CA ALA A 211 -7.02 7.60 3.73
C ALA A 211 -8.27 7.04 4.39
N LEU A 212 -9.08 7.92 4.97
CA LEU A 212 -10.14 7.46 5.86
C LEU A 212 -11.53 8.07 5.66
N GLN A 213 -11.62 9.22 4.99
CA GLN A 213 -12.90 9.96 5.05
C GLN A 213 -13.56 10.24 3.70
N LYS A 214 -12.78 10.21 2.63
CA LYS A 214 -13.32 10.49 1.30
C LYS A 214 -14.29 9.38 0.91
N ALA A 215 -15.52 9.76 0.52
CA ALA A 215 -16.48 8.76 0.08
C ALA A 215 -15.93 7.97 -1.12
N GLN A 216 -16.08 6.65 -1.07
CA GLN A 216 -15.62 5.78 -2.14
C GLN A 216 -16.58 4.60 -2.27
N LYS A 217 -16.55 3.95 -3.43
CA LYS A 217 -17.43 2.80 -3.69
C LYS A 217 -17.44 1.79 -2.54
N GLY A 218 -18.62 1.50 -2.02
CA GLY A 218 -18.76 0.56 -0.93
C GLY A 218 -18.66 1.17 0.46
N VAL A 219 -18.14 2.39 0.54
CA VAL A 219 -18.02 3.06 1.83
C VAL A 219 -18.51 4.51 1.69
N THR A 220 -19.79 4.68 1.39
CA THR A 220 -20.37 6.01 1.12
C THR A 220 -21.36 6.49 2.18
N ALA A 221 -21.86 5.59 3.01
CA ALA A 221 -22.83 5.98 4.04
C ALA A 221 -22.17 6.81 5.14
N TRP A 222 -22.86 7.84 5.61
CA TRP A 222 -22.24 8.82 6.51
C TRP A 222 -21.71 8.17 7.77
N ASP A 223 -22.37 7.12 8.24
CA ASP A 223 -21.93 6.50 9.48
C ASP A 223 -21.12 5.22 9.22
N ASP A 224 -20.65 5.01 7.98
CA ASP A 224 -19.58 4.03 7.72
C ASP A 224 -18.33 4.56 8.39
N PRO A 225 -17.82 3.83 9.39
CA PRO A 225 -16.73 4.44 10.18
C PRO A 225 -15.40 4.56 9.42
N TYR A 226 -15.13 3.65 8.48
CA TYR A 226 -13.89 3.74 7.71
C TYR A 226 -14.22 3.92 6.24
N LYS A 227 -13.88 5.09 5.69
CA LYS A 227 -14.08 5.33 4.27
C LYS A 227 -12.70 5.48 3.61
N GLY A 228 -12.65 6.19 2.49
CA GLY A 228 -11.39 6.46 1.82
C GLY A 228 -10.60 5.22 1.43
N ASN A 229 -9.29 5.36 1.35
CA ASN A 229 -8.46 4.24 0.91
C ASN A 229 -8.50 3.08 1.89
N PHE A 230 -8.42 3.37 3.18
CA PHE A 230 -8.33 2.31 4.18
C PHE A 230 -9.63 1.49 4.23
N GLY A 231 -10.76 2.18 4.20
CA GLY A 231 -12.05 1.51 4.18
C GLY A 231 -12.16 0.56 2.99
N GLN A 232 -11.78 1.05 1.81
CA GLN A 232 -11.82 0.21 0.62
C GLN A 232 -10.82 -0.94 0.70
N LEU A 233 -9.67 -0.67 1.30
CA LEU A 233 -8.65 -1.73 1.41
C LEU A 233 -9.14 -2.83 2.34
N MET A 234 -9.85 -2.43 3.40
CA MET A 234 -10.50 -3.42 4.27
C MET A 234 -11.48 -4.31 3.51
N ALA A 235 -12.33 -3.68 2.69
CA ALA A 235 -13.30 -4.44 1.90
C ALA A 235 -12.58 -5.30 0.88
N LEU A 236 -11.45 -4.81 0.37
CA LEU A 236 -10.64 -5.56 -0.60
C LEU A 236 -10.08 -6.83 0.04
N LYS A 237 -9.60 -6.70 1.27
CA LYS A 237 -9.13 -7.85 2.04
C LYS A 237 -10.24 -8.89 2.22
N GLN A 238 -11.47 -8.44 2.42
CA GLN A 238 -12.59 -9.38 2.52
C GLN A 238 -12.78 -10.14 1.22
N ALA A 239 -12.50 -9.49 0.09
CA ALA A 239 -12.64 -10.13 -1.20
C ALA A 239 -11.42 -11.00 -1.53
N HIS A 240 -10.27 -10.61 -1.01
CA HIS A 240 -9.01 -11.31 -1.32
C HIS A 240 -8.20 -11.58 -0.07
N PRO A 241 -8.61 -12.56 0.72
CA PRO A 241 -7.99 -12.75 2.03
C PRO A 241 -6.51 -13.14 1.95
N ASP A 242 -6.07 -13.61 0.79
CA ASP A 242 -4.67 -14.00 0.61
C ASP A 242 -3.81 -12.89 0.04
N LEU A 243 -4.43 -11.78 -0.35
CA LEU A 243 -3.67 -10.62 -0.80
C LEU A 243 -2.88 -10.01 0.36
N LYS A 244 -1.58 -9.77 0.19
CA LYS A 244 -0.81 -9.09 1.23
C LYS A 244 -0.89 -7.59 1.00
N ILE A 245 -1.49 -6.87 1.95
CA ILE A 245 -1.55 -5.42 1.85
C ILE A 245 -0.58 -4.81 2.87
N LEU A 246 0.46 -4.17 2.36
CA LEU A 246 1.52 -3.65 3.19
C LEU A 246 1.59 -2.13 3.16
N PRO A 247 1.64 -1.50 4.34
CA PRO A 247 1.90 -0.06 4.35
C PRO A 247 3.37 0.21 4.04
N SER A 248 3.64 1.15 3.14
CA SER A 248 5.02 1.49 2.81
C SER A 248 5.40 2.80 3.50
N ILE A 249 6.37 2.71 4.41
CA ILE A 249 6.84 3.88 5.17
C ILE A 249 8.05 4.49 4.47
N GLY A 250 7.95 5.77 4.11
CA GLY A 250 9.05 6.42 3.41
C GLY A 250 8.71 6.83 1.99
N GLY A 251 9.52 6.38 1.04
CA GLY A 251 9.44 6.91 -0.30
C GLY A 251 10.33 8.13 -0.43
N TRP A 252 10.40 8.69 -1.63
CA TRP A 252 11.35 9.77 -1.93
C TRP A 252 11.28 10.95 -0.97
N THR A 253 10.09 11.47 -0.71
N THR A 253 10.07 11.45 -0.72
CA THR A 253 9.98 12.71 0.07
CA THR A 253 9.91 12.69 0.03
C THR A 253 9.64 12.53 1.54
C THR A 253 9.80 12.48 1.54
N LEU A 254 9.37 11.30 1.96
CA LEU A 254 9.11 11.05 3.37
C LEU A 254 10.22 10.22 4.04
N SER A 255 11.38 10.15 3.41
CA SER A 255 12.47 9.32 3.94
C SER A 255 13.40 10.01 4.95
N ASP A 256 13.37 11.35 5.05
CA ASP A 256 14.35 12.04 5.89
C ASP A 256 14.45 11.49 7.33
N PRO A 257 13.30 11.14 7.98
CA PRO A 257 13.44 10.70 9.37
C PRO A 257 14.29 9.43 9.60
N PHE A 258 14.36 8.52 8.62
CA PHE A 258 15.19 7.33 8.76
C PHE A 258 16.64 7.69 9.12
N PHE A 259 17.11 8.83 8.62
CA PHE A 259 18.49 9.23 8.82
C PHE A 259 18.83 9.57 10.28
N PHE A 260 17.83 9.61 11.16
CA PHE A 260 18.08 9.90 12.57
C PHE A 260 18.03 8.65 13.43
N MET A 261 17.73 7.50 12.82
N MET A 261 17.79 7.51 12.77
CA MET A 261 17.43 6.33 13.66
CA MET A 261 17.48 6.26 13.46
C MET A 261 18.68 5.58 14.15
C MET A 261 18.70 5.49 13.97
N GLY A 262 19.86 6.14 13.91
CA GLY A 262 21.06 5.64 14.55
C GLY A 262 20.92 5.85 16.06
N ASP A 263 20.09 6.83 16.45
CA ASP A 263 19.72 7.01 17.86
C ASP A 263 18.67 5.97 18.21
N LYS A 264 19.05 4.97 19.01
CA LYS A 264 18.13 3.88 19.34
C LYS A 264 16.89 4.35 20.08
N VAL A 265 17.00 5.48 20.78
CA VAL A 265 15.80 6.02 21.42
C VAL A 265 14.73 6.32 20.37
N LYS A 266 15.14 6.97 19.28
CA LYS A 266 14.23 7.27 18.18
C LYS A 266 13.78 6.01 17.45
N ARG A 267 14.72 5.11 17.20
CA ARG A 267 14.44 3.89 16.47
C ARG A 267 13.43 3.03 17.23
N ASP A 268 13.64 2.88 18.54
CA ASP A 268 12.71 2.16 19.39
C ASP A 268 11.32 2.78 19.33
N ARG A 269 11.25 4.11 19.38
CA ARG A 269 9.96 4.80 19.35
C ARG A 269 9.26 4.51 18.01
N PHE A 270 10.01 4.58 16.91
CA PHE A 270 9.49 4.27 15.59
C PHE A 270 8.90 2.85 15.50
N VAL A 271 9.73 1.86 15.84
CA VAL A 271 9.30 0.46 15.80
C VAL A 271 8.04 0.25 16.65
N GLY A 272 8.02 0.84 17.84
CA GLY A 272 6.83 0.79 18.68
C GLY A 272 5.60 1.35 18.00
N SER A 273 5.77 2.46 17.28
CA SER A 273 4.63 3.11 16.63
C SER A 273 4.15 2.27 15.45
N VAL A 274 5.04 1.53 14.81
CA VAL A 274 4.66 0.66 13.72
C VAL A 274 3.79 -0.48 14.27
N LYS A 275 4.23 -1.08 15.37
N LYS A 275 4.22 -1.07 15.38
CA LYS A 275 3.43 -2.10 16.04
CA LYS A 275 3.42 -2.11 16.03
C LYS A 275 2.03 -1.58 16.34
C LYS A 275 2.03 -1.60 16.37
N GLU A 276 1.97 -0.40 16.94
CA GLU A 276 0.69 0.21 17.27
C GLU A 276 -0.16 0.46 16.02
N PHE A 277 0.49 0.88 14.95
CA PHE A 277 -0.18 1.11 13.67
C PHE A 277 -0.84 -0.18 13.17
N LEU A 278 -0.10 -1.29 13.24
CA LEU A 278 -0.61 -2.58 12.77
C LEU A 278 -1.70 -3.14 13.68
N GLN A 279 -1.63 -2.83 14.98
CA GLN A 279 -2.68 -3.23 15.91
C GLN A 279 -3.92 -2.38 15.68
N THR A 280 -3.71 -1.17 15.19
CA THR A 280 -4.82 -0.28 14.91
C THR A 280 -5.50 -0.59 13.57
N TRP A 281 -4.71 -0.83 12.55
CA TRP A 281 -5.21 -1.05 11.20
C TRP A 281 -4.97 -2.51 10.83
N LYS A 282 -5.96 -3.36 11.13
CA LYS A 282 -5.76 -4.81 11.12
C LYS A 282 -5.72 -5.41 9.73
N PHE A 283 -6.17 -4.66 8.72
CA PHE A 283 -6.14 -5.16 7.34
C PHE A 283 -4.71 -5.20 6.77
N PHE A 284 -3.78 -4.48 7.38
CA PHE A 284 -2.39 -4.49 6.93
C PHE A 284 -1.65 -5.77 7.36
N ASP A 285 -0.79 -6.30 6.49
CA ASP A 285 -0.15 -7.60 6.68
C ASP A 285 1.34 -7.55 7.02
N GLY A 286 1.82 -6.38 7.42
CA GLY A 286 3.25 -6.23 7.70
C GLY A 286 3.68 -4.80 7.45
N VAL A 287 4.93 -4.61 7.03
CA VAL A 287 5.42 -3.28 6.73
C VAL A 287 6.48 -3.31 5.64
N ASP A 288 6.43 -2.31 4.76
CA ASP A 288 7.45 -2.08 3.76
C ASP A 288 8.27 -0.85 4.14
N ILE A 289 9.59 -1.00 4.19
CA ILE A 289 10.46 0.11 4.49
C ILE A 289 11.04 0.66 3.20
N ALA A 290 10.61 1.86 2.82
CA ALA A 290 11.08 2.48 1.59
C ALA A 290 12.00 3.64 1.95
N TRP A 291 13.13 3.32 2.58
CA TRP A 291 14.10 4.31 2.99
C TRP A 291 14.98 4.66 1.79
N GLU A 292 14.81 5.90 1.31
N GLU A 292 14.85 5.89 1.30
CA GLU A 292 15.57 6.36 0.15
CA GLU A 292 15.65 6.27 0.16
C GLU A 292 16.53 7.49 0.54
C GLU A 292 16.54 7.47 0.48
N PHE A 293 17.80 7.21 0.79
CA PHE A 293 18.41 5.87 0.83
C PHE A 293 19.45 5.86 1.95
N PRO A 294 19.77 4.68 2.51
CA PRO A 294 20.91 4.63 3.43
C PRO A 294 22.16 5.21 2.78
N GLY A 295 22.82 6.17 3.43
CA GLY A 295 23.99 6.81 2.88
C GLY A 295 23.68 8.14 2.21
N GLY A 296 22.39 8.39 1.96
CA GLY A 296 21.99 9.63 1.34
C GLY A 296 21.79 9.48 -0.16
N LYS A 297 21.89 10.61 -0.86
CA LYS A 297 21.66 10.74 -2.30
C LYS A 297 20.17 10.51 -2.63
N GLY A 298 19.31 10.78 -1.66
CA GLY A 298 17.88 10.86 -1.89
C GLY A 298 17.46 12.30 -2.07
N ALA A 299 16.25 12.62 -1.63
CA ALA A 299 15.69 13.96 -1.76
C ALA A 299 16.53 15.04 -1.09
N ASN A 300 17.07 14.72 0.09
CA ASN A 300 17.75 15.71 0.92
C ASN A 300 19.27 15.63 0.77
N PRO A 301 19.88 16.67 0.18
CA PRO A 301 21.34 16.71 -0.06
C PRO A 301 22.16 16.85 1.23
N ASN A 302 21.49 17.16 2.34
CA ASN A 302 22.18 17.33 3.62
C ASN A 302 22.05 16.14 4.56
N LEU A 303 21.52 15.02 4.06
CA LEU A 303 21.41 13.84 4.90
C LEU A 303 22.14 12.66 4.29
N GLY A 304 22.53 11.71 5.13
CA GLY A 304 23.24 10.53 4.69
C GLY A 304 24.51 10.40 5.50
N SER A 305 24.74 9.20 6.03
CA SER A 305 25.89 8.97 6.89
C SER A 305 26.46 7.59 6.64
N PRO A 306 27.77 7.41 6.85
CA PRO A 306 28.34 6.06 6.69
C PRO A 306 27.75 5.08 7.69
N GLN A 307 27.13 5.61 8.74
CA GLN A 307 26.50 4.79 9.78
C GLN A 307 25.19 4.13 9.30
N ASP A 308 24.60 4.68 8.22
CA ASP A 308 23.25 4.29 7.79
C ASP A 308 23.09 2.80 7.48
N GLY A 309 24.15 2.19 6.93
CA GLY A 309 24.11 0.78 6.62
C GLY A 309 23.87 -0.05 7.86
N GLU A 310 24.60 0.28 8.92
CA GLU A 310 24.40 -0.42 10.19
C GLU A 310 23.00 -0.16 10.75
N THR A 311 22.55 1.08 10.65
CA THR A 311 21.23 1.47 11.15
C THR A 311 20.13 0.66 10.42
N TYR A 312 20.28 0.53 9.11
CA TYR A 312 19.33 -0.22 8.31
C TYR A 312 19.20 -1.66 8.79
N VAL A 313 20.33 -2.33 9.02
CA VAL A 313 20.31 -3.71 9.44
C VAL A 313 19.68 -3.87 10.82
N LEU A 314 20.03 -2.96 11.74
CA LEU A 314 19.43 -2.94 13.08
C LEU A 314 17.92 -2.73 13.00
N LEU A 315 17.52 -1.77 12.18
CA LEU A 315 16.10 -1.44 12.00
C LEU A 315 15.34 -2.67 11.52
N MET A 316 15.88 -3.35 10.51
CA MET A 316 15.21 -4.54 9.96
C MET A 316 15.10 -5.65 11.01
N LYS A 317 16.17 -5.86 11.78
N LYS A 317 16.18 -5.87 11.77
CA LYS A 317 16.14 -6.90 12.82
CA LYS A 317 16.16 -6.87 12.84
C LYS A 317 15.13 -6.58 13.92
C LYS A 317 15.08 -6.56 13.86
N GLU A 318 15.04 -5.31 14.30
CA GLU A 318 14.13 -4.93 15.37
C GLU A 318 12.68 -4.95 14.86
N LEU A 319 12.47 -4.55 13.61
CA LEU A 319 11.15 -4.68 13.00
C LEU A 319 10.69 -6.12 12.94
N ARG A 320 11.60 -7.00 12.51
N ARG A 320 11.58 -7.02 12.55
CA ARG A 320 11.30 -8.43 12.43
CA ARG A 320 11.20 -8.43 12.44
C ARG A 320 10.92 -8.99 13.80
C ARG A 320 10.91 -9.03 13.82
N ALA A 321 11.64 -8.58 14.84
CA ALA A 321 11.39 -9.06 16.20
C ALA A 321 10.01 -8.59 16.65
N MET A 322 9.68 -7.33 16.37
CA MET A 322 8.36 -6.80 16.68
C MET A 322 7.26 -7.57 15.91
N LEU A 323 7.49 -7.82 14.63
CA LEU A 323 6.52 -8.50 13.79
C LEU A 323 6.34 -9.96 14.22
N ASP A 324 7.43 -10.60 14.64
CA ASP A 324 7.36 -11.99 15.10
C ASP A 324 6.52 -12.07 16.35
N GLN A 325 6.67 -11.08 17.23
CA GLN A 325 5.87 -11.03 18.44
C GLN A 325 4.39 -10.78 18.10
N LEU A 326 4.14 -9.84 17.20
CA LEU A 326 2.79 -9.56 16.74
C LEU A 326 2.17 -10.83 16.12
N SER A 327 2.95 -11.54 15.31
CA SER A 327 2.52 -12.77 14.67
C SER A 327 2.01 -13.82 15.64
N VAL A 328 2.76 -14.09 16.70
CA VAL A 328 2.33 -15.14 17.64
C VAL A 328 1.24 -14.66 18.58
N GLU A 329 1.12 -13.35 18.75
CA GLU A 329 0.00 -12.82 19.53
C GLU A 329 -1.29 -13.01 18.74
N THR A 330 -1.19 -12.90 17.43
CA THR A 330 -2.36 -12.86 16.56
C THR A 330 -2.63 -14.17 15.82
N GLY A 331 -1.63 -15.04 15.74
CA GLY A 331 -1.75 -16.24 14.90
C GLY A 331 -1.61 -15.92 13.41
N ARG A 332 -1.24 -14.69 13.09
CA ARG A 332 -1.08 -14.28 11.70
C ARG A 332 0.36 -14.28 11.27
N LYS A 333 0.59 -14.37 9.96
CA LYS A 333 1.93 -14.17 9.45
C LYS A 333 2.05 -12.71 9.01
N TYR A 334 3.14 -12.07 9.41
CA TYR A 334 3.41 -10.70 9.01
C TYR A 334 4.65 -10.66 8.15
N GLU A 335 4.65 -9.79 7.15
CA GLU A 335 5.80 -9.68 6.26
C GLU A 335 6.57 -8.40 6.51
N LEU A 336 7.87 -8.48 6.31
CA LEU A 336 8.73 -7.31 6.35
C LEU A 336 9.45 -7.21 5.01
N THR A 337 9.26 -6.07 4.34
CA THR A 337 9.88 -5.87 3.04
C THR A 337 10.57 -4.51 2.95
N SER A 338 11.32 -4.29 1.88
CA SER A 338 11.93 -2.99 1.68
C SER A 338 12.13 -2.71 0.20
N ALA A 339 11.89 -1.46 -0.20
CA ALA A 339 12.20 -0.98 -1.54
C ALA A 339 13.59 -0.37 -1.50
N ILE A 340 14.48 -0.79 -2.41
CA ILE A 340 15.88 -0.36 -2.35
C ILE A 340 16.40 0.13 -3.69
N SER A 341 17.42 0.98 -3.66
CA SER A 341 18.13 1.37 -4.87
C SER A 341 18.73 0.16 -5.56
N ALA A 342 18.68 0.19 -6.90
CA ALA A 342 19.23 -0.88 -7.74
C ALA A 342 20.65 -0.56 -8.23
N GLY A 343 21.20 0.58 -7.82
CA GLY A 343 22.56 0.94 -8.20
C GLY A 343 23.57 0.19 -7.36
N LYS A 344 24.60 -0.38 -7.99
CA LYS A 344 25.58 -1.17 -7.25
C LYS A 344 26.26 -0.36 -6.14
N ASP A 345 26.58 0.89 -6.44
N ASP A 345 26.61 0.89 -6.41
CA ASP A 345 27.25 1.79 -5.49
CA ASP A 345 27.29 1.73 -5.42
C ASP A 345 26.39 1.98 -4.24
C ASP A 345 26.40 2.02 -4.23
N MET A 346 25.09 2.14 -4.47
CA MET A 346 24.13 2.29 -3.39
C MET A 346 23.97 1.01 -2.60
N ILE A 347 23.80 -0.10 -3.33
CA ILE A 347 23.56 -1.42 -2.75
C ILE A 347 24.70 -1.82 -1.81
N ASP A 348 25.92 -1.41 -2.17
CA ASP A 348 27.07 -1.85 -1.39
C ASP A 348 27.29 -1.02 -0.12
N LYS A 349 26.40 -0.06 0.15
CA LYS A 349 26.42 0.67 1.42
C LYS A 349 25.71 -0.12 2.52
N VAL A 350 25.10 -1.24 2.15
CA VAL A 350 24.28 -2.01 3.08
C VAL A 350 24.65 -3.49 2.98
N ALA A 351 24.70 -4.18 4.11
CA ALA A 351 24.95 -5.62 4.12
C ALA A 351 23.64 -6.40 4.02
N TYR A 352 23.10 -6.48 2.80
CA TYR A 352 21.85 -7.20 2.57
C TYR A 352 21.97 -8.69 2.83
N ASN A 353 23.18 -9.22 2.71
CA ASN A 353 23.36 -10.64 3.03
C ASN A 353 23.02 -10.90 4.50
N VAL A 354 23.17 -9.88 5.33
CA VAL A 354 22.77 -9.96 6.72
C VAL A 354 21.28 -9.62 6.87
N ALA A 355 20.89 -8.47 6.31
CA ALA A 355 19.53 -7.94 6.48
C ALA A 355 18.46 -8.89 5.92
N GLN A 356 18.83 -9.67 4.90
CA GLN A 356 17.87 -10.56 4.25
C GLN A 356 17.26 -11.56 5.20
N ASN A 357 18.00 -11.91 6.26
CA ASN A 357 17.47 -12.86 7.24
C ASN A 357 16.27 -12.30 7.99
N SER A 358 16.12 -10.98 7.96
CA SER A 358 14.98 -10.32 8.58
C SER A 358 13.83 -10.09 7.60
N MET A 359 14.08 -10.25 6.32
CA MET A 359 13.13 -9.77 5.32
C MET A 359 12.50 -10.88 4.49
N ASP A 360 11.23 -10.68 4.15
CA ASP A 360 10.54 -11.60 3.26
C ASP A 360 10.84 -11.32 1.80
N HIS A 361 10.94 -10.05 1.45
CA HIS A 361 11.15 -9.65 0.06
C HIS A 361 11.95 -8.37 -0.03
N ILE A 362 12.82 -8.32 -1.02
CA ILE A 362 13.54 -7.11 -1.37
C ILE A 362 12.96 -6.59 -2.69
N PHE A 363 12.37 -5.40 -2.64
CA PHE A 363 11.83 -4.78 -3.85
C PHE A 363 12.92 -3.94 -4.51
N LEU A 364 13.56 -4.52 -5.52
CA LEU A 364 14.67 -3.90 -6.22
C LEU A 364 14.18 -2.85 -7.20
N MET A 365 14.45 -1.59 -6.92
CA MET A 365 13.91 -0.50 -7.73
C MET A 365 14.70 -0.34 -9.03
N SER A 366 14.58 -1.35 -9.88
CA SER A 366 15.27 -1.38 -11.17
C SER A 366 14.53 -0.53 -12.20
N TYR A 367 14.43 0.76 -11.91
CA TYR A 367 13.86 1.74 -12.83
C TYR A 367 14.44 3.10 -12.46
N ASP A 368 14.01 4.14 -13.17
CA ASP A 368 14.58 5.49 -13.03
C ASP A 368 16.10 5.53 -13.25
N PHE A 369 16.64 4.60 -14.03
CA PHE A 369 18.09 4.56 -14.30
C PHE A 369 18.55 5.84 -14.98
N TYR A 370 17.69 6.37 -15.83
CA TYR A 370 17.98 7.60 -16.57
C TYR A 370 16.72 8.45 -16.52
N GLY A 371 16.85 9.74 -16.74
CA GLY A 371 15.70 10.62 -16.77
C GLY A 371 16.07 12.05 -17.02
N ALA A 372 15.07 12.92 -16.96
CA ALA A 372 15.24 14.32 -17.31
C ALA A 372 16.17 15.12 -16.36
N ALA A 373 16.57 14.52 -15.23
CA ALA A 373 17.46 15.22 -14.31
C ALA A 373 18.87 15.36 -14.90
N ASP A 374 19.18 14.50 -15.87
CA ASP A 374 20.44 14.58 -16.60
C ASP A 374 20.11 14.69 -18.09
N LEU A 375 20.46 15.83 -18.68
CA LEU A 375 20.10 16.08 -20.08
C LEU A 375 21.21 15.72 -21.04
N LYS A 376 22.37 15.33 -20.51
CA LYS A 376 23.53 15.06 -21.35
C LYS A 376 23.75 13.57 -21.55
N ASN A 377 23.51 12.80 -20.50
CA ASN A 377 23.66 11.35 -20.58
C ASN A 377 22.30 10.66 -20.63
N LEU A 378 21.92 10.21 -21.82
CA LEU A 378 20.61 9.59 -22.02
C LEU A 378 20.74 8.07 -22.03
N GLY A 379 19.68 7.34 -21.67
CA GLY A 379 19.72 5.89 -21.66
C GLY A 379 18.38 5.27 -21.31
N HIS A 380 18.32 3.95 -21.31
CA HIS A 380 17.10 3.22 -20.94
C HIS A 380 16.88 3.27 -19.42
N GLN A 381 15.71 3.73 -18.98
CA GLN A 381 15.47 3.94 -17.56
C GLN A 381 15.19 2.67 -16.77
N THR A 382 14.87 1.57 -17.43
CA THR A 382 14.48 0.38 -16.68
C THR A 382 14.89 -0.92 -17.42
N ALA A 383 15.91 -0.82 -18.27
CA ALA A 383 16.37 -1.96 -19.08
C ALA A 383 16.91 -3.13 -18.26
N LEU A 384 16.77 -4.32 -18.83
CA LEU A 384 17.36 -5.49 -18.22
C LEU A 384 18.90 -5.44 -18.34
N ASN A 385 19.37 -5.12 -19.54
CA ASN A 385 20.81 -5.11 -19.84
C ASN A 385 21.30 -3.80 -20.38
N ALA A 386 22.61 -3.71 -20.60
CA ALA A 386 23.19 -2.57 -21.27
C ALA A 386 22.82 -2.61 -22.76
N PRO A 387 22.75 -1.43 -23.41
CA PRO A 387 22.49 -1.41 -24.85
C PRO A 387 23.76 -1.72 -25.63
N ALA A 388 23.61 -1.99 -26.92
CA ALA A 388 24.76 -2.33 -27.75
C ALA A 388 25.72 -1.16 -27.92
N TRP A 389 25.20 0.06 -27.90
CA TRP A 389 26.04 1.23 -28.08
C TRP A 389 26.80 1.64 -26.84
N LYS A 390 26.52 0.99 -25.70
CA LYS A 390 27.26 1.27 -24.47
C LYS A 390 27.18 0.11 -23.50
N PRO A 391 27.92 -0.97 -23.81
CA PRO A 391 27.83 -2.20 -23.01
C PRO A 391 28.40 -2.07 -21.59
N ASP A 392 29.06 -0.96 -21.29
CA ASP A 392 29.59 -0.76 -19.94
C ASP A 392 28.62 0.09 -19.11
N THR A 393 27.39 0.22 -19.59
CA THR A 393 26.36 0.97 -18.87
C THR A 393 26.22 0.45 -17.43
N ALA A 394 26.31 1.36 -16.47
CA ALA A 394 26.34 0.99 -15.05
C ALA A 394 24.97 0.58 -14.51
N TYR A 395 23.98 1.40 -14.78
CA TYR A 395 22.66 1.21 -14.19
C TYR A 395 21.75 0.37 -15.06
N THR A 396 21.74 -0.93 -14.78
CA THR A 396 20.83 -1.87 -15.43
C THR A 396 20.25 -2.76 -14.37
N THR A 397 19.17 -3.45 -14.72
CA THR A 397 18.53 -4.36 -13.79
C THR A 397 19.49 -5.48 -13.38
N VAL A 398 20.17 -6.05 -14.36
CA VAL A 398 21.04 -7.20 -14.10
C VAL A 398 22.18 -6.83 -13.15
N ASN A 399 22.76 -5.64 -13.33
CA ASN A 399 23.84 -5.19 -12.44
C ASN A 399 23.39 -5.01 -11.00
N GLY A 400 22.15 -4.57 -10.80
CA GLY A 400 21.59 -4.41 -9.47
C GLY A 400 21.40 -5.76 -8.82
N VAL A 401 20.77 -6.68 -9.56
CA VAL A 401 20.59 -8.05 -9.10
C VAL A 401 21.94 -8.70 -8.78
N ASN A 402 22.89 -8.56 -9.70
CA ASN A 402 24.20 -9.18 -9.51
C ASN A 402 24.93 -8.61 -8.28
N ALA A 403 24.75 -7.32 -8.03
CA ALA A 403 25.34 -6.72 -6.84
C ALA A 403 24.80 -7.37 -5.57
N LEU A 404 23.50 -7.61 -5.53
CA LEU A 404 22.89 -8.28 -4.39
C LEU A 404 23.40 -9.72 -4.27
N LEU A 405 23.39 -10.46 -5.38
CA LEU A 405 23.84 -11.84 -5.36
C LEU A 405 25.29 -11.95 -4.89
N ALA A 406 26.12 -11.00 -5.31
CA ALA A 406 27.54 -10.96 -4.97
C ALA A 406 27.74 -10.81 -3.46
N GLN A 407 26.84 -10.09 -2.81
CA GLN A 407 26.88 -9.95 -1.35
C GLN A 407 26.57 -11.26 -0.66
N GLY A 408 25.87 -12.15 -1.36
CA GLY A 408 25.38 -13.35 -0.75
C GLY A 408 23.88 -13.34 -0.51
N VAL A 409 23.15 -12.40 -1.12
CA VAL A 409 21.69 -12.42 -1.01
C VAL A 409 21.12 -13.61 -1.76
N LYS A 410 20.21 -14.34 -1.12
CA LYS A 410 19.56 -15.45 -1.79
C LYS A 410 18.68 -14.90 -2.91
N PRO A 411 18.72 -15.54 -4.09
CA PRO A 411 18.01 -15.00 -5.25
C PRO A 411 16.49 -14.95 -5.05
N GLY A 412 15.95 -15.89 -4.27
CA GLY A 412 14.52 -15.94 -4.02
C GLY A 412 13.98 -14.73 -3.26
N LYS A 413 14.88 -13.95 -2.64
CA LYS A 413 14.50 -12.75 -1.91
C LYS A 413 14.22 -11.57 -2.84
N ILE A 414 14.78 -11.65 -4.04
CA ILE A 414 14.88 -10.47 -4.90
C ILE A 414 13.71 -10.36 -5.87
N VAL A 415 12.97 -9.26 -5.71
CA VAL A 415 11.82 -8.99 -6.58
C VAL A 415 12.20 -7.85 -7.53
N VAL A 416 12.12 -8.14 -8.82
CA VAL A 416 12.60 -7.22 -9.84
C VAL A 416 11.53 -6.16 -10.16
N GLY A 417 11.97 -4.92 -10.37
CA GLY A 417 11.08 -3.81 -10.62
C GLY A 417 10.77 -3.57 -12.08
N THR A 418 9.48 -3.32 -12.37
CA THR A 418 9.03 -2.87 -13.68
C THR A 418 8.44 -1.47 -13.54
N ALA A 419 8.51 -0.68 -14.60
CA ALA A 419 7.95 0.67 -14.57
C ALA A 419 6.63 0.70 -15.32
N MET A 420 5.62 1.32 -14.71
CA MET A 420 4.36 1.53 -15.38
C MET A 420 4.29 2.96 -15.91
N TYR A 421 5.46 3.54 -16.15
CA TYR A 421 5.54 4.90 -16.67
C TYR A 421 6.79 5.01 -17.51
N GLY A 422 6.87 6.05 -18.32
CA GLY A 422 8.09 6.35 -19.04
C GLY A 422 8.72 7.61 -18.48
N ARG A 423 10.03 7.74 -18.67
CA ARG A 423 10.71 9.00 -18.43
C ARG A 423 11.22 9.49 -19.76
N GLY A 424 11.42 10.79 -19.89
CA GLY A 424 11.93 11.26 -21.15
C GLY A 424 12.35 12.70 -21.24
N TRP A 425 12.81 13.03 -22.43
CA TRP A 425 13.45 14.31 -22.72
C TRP A 425 12.80 14.95 -23.91
N THR A 426 12.97 16.26 -24.03
CA THR A 426 12.58 16.94 -25.24
C THR A 426 13.81 17.55 -25.92
N GLY A 427 13.69 17.86 -27.20
CA GLY A 427 14.77 18.53 -27.92
C GLY A 427 16.03 17.71 -28.09
N VAL A 428 15.90 16.38 -28.06
CA VAL A 428 17.05 15.52 -28.25
C VAL A 428 17.65 15.77 -29.66
N ASN A 429 18.99 15.87 -29.71
CA ASN A 429 19.69 16.27 -30.92
C ASN A 429 21.14 15.83 -30.88
N GLY A 430 21.81 15.87 -32.03
CA GLY A 430 23.21 15.51 -32.09
C GLY A 430 23.47 14.05 -31.79
N TYR A 431 22.57 13.18 -32.25
CA TYR A 431 22.75 11.74 -32.04
C TYR A 431 23.23 11.09 -33.34
N GLN A 432 23.92 9.97 -33.20
CA GLN A 432 24.51 9.29 -34.34
C GLN A 432 23.83 7.96 -34.63
N ASN A 433 23.88 7.57 -35.90
CA ASN A 433 23.49 6.23 -36.33
C ASN A 433 22.06 5.85 -35.96
N ASN A 434 21.18 6.85 -35.98
CA ASN A 434 19.76 6.70 -35.68
C ASN A 434 19.48 6.16 -34.27
N ILE A 435 20.39 6.45 -33.33
CA ILE A 435 20.19 6.11 -31.92
C ILE A 435 20.06 7.40 -31.10
N PRO A 436 18.82 7.80 -30.80
CA PRO A 436 18.61 9.10 -30.14
C PRO A 436 19.34 9.22 -28.80
N PHE A 437 19.53 8.10 -28.10
CA PHE A 437 20.20 8.11 -26.80
C PHE A 437 21.64 8.62 -26.85
N THR A 438 22.27 8.56 -28.02
CA THR A 438 23.66 9.01 -28.15
C THR A 438 23.76 10.52 -28.31
N GLY A 439 22.61 11.19 -28.37
CA GLY A 439 22.57 12.64 -28.45
C GLY A 439 22.50 13.31 -27.09
N THR A 440 22.01 14.55 -27.06
CA THR A 440 21.77 15.26 -25.80
C THR A 440 20.44 15.99 -25.91
N ALA A 441 19.85 16.31 -24.75
CA ALA A 441 18.50 16.88 -24.70
C ALA A 441 18.54 18.33 -24.26
N THR A 442 17.43 19.03 -24.45
CA THR A 442 17.31 20.42 -24.03
C THR A 442 16.38 20.61 -22.83
N GLY A 443 15.71 19.54 -22.40
CA GLY A 443 14.75 19.64 -21.31
C GLY A 443 13.97 18.36 -21.13
N PRO A 444 13.03 18.34 -20.17
CA PRO A 444 12.25 17.13 -19.91
C PRO A 444 11.15 16.97 -20.93
N VAL A 445 10.71 15.74 -21.20
CA VAL A 445 9.51 15.57 -22.01
C VAL A 445 8.33 16.14 -21.23
N LYS A 446 7.31 16.65 -21.92
CA LYS A 446 6.11 17.08 -21.23
C LYS A 446 5.46 15.87 -20.55
N GLY A 447 5.12 16.00 -19.26
CA GLY A 447 4.65 14.86 -18.49
C GLY A 447 3.14 14.76 -18.39
N THR A 448 2.65 13.60 -17.96
CA THR A 448 1.22 13.44 -17.73
C THR A 448 0.79 14.28 -16.53
N TRP A 449 1.53 14.18 -15.43
CA TRP A 449 1.21 14.87 -14.18
C TRP A 449 2.37 15.71 -13.66
N GLU A 450 3.59 15.27 -13.97
CA GLU A 450 4.79 15.96 -13.52
C GLU A 450 5.83 15.90 -14.63
N ASN A 451 6.74 16.87 -14.64
CA ASN A 451 7.77 16.95 -15.68
C ASN A 451 8.58 15.68 -15.86
N GLY A 452 8.73 15.29 -17.13
CA GLY A 452 9.67 14.24 -17.48
C GLY A 452 9.17 12.82 -17.26
N ILE A 453 7.90 12.71 -16.86
CA ILE A 453 7.30 11.39 -16.56
C ILE A 453 5.95 11.25 -17.27
N VAL A 454 5.75 10.12 -17.95
CA VAL A 454 4.54 9.87 -18.70
C VAL A 454 3.91 8.54 -18.27
N ASP A 455 2.63 8.55 -17.87
CA ASP A 455 1.92 7.30 -17.56
C ASP A 455 2.04 6.34 -18.72
N TYR A 456 2.29 5.06 -18.46
CA TYR A 456 2.30 4.10 -19.56
C TYR A 456 0.99 4.17 -20.36
N ARG A 457 -0.13 4.38 -19.65
CA ARG A 457 -1.43 4.48 -20.30
C ARG A 457 -1.41 5.52 -21.41
N GLN A 458 -0.75 6.66 -21.16
CA GLN A 458 -0.69 7.72 -22.16
C GLN A 458 0.31 7.41 -23.27
N ILE A 459 1.38 6.72 -22.93
CA ILE A 459 2.31 6.27 -23.94
C ILE A 459 1.59 5.35 -24.92
N ALA A 460 0.89 4.35 -24.40
CA ALA A 460 0.17 3.43 -25.26
C ALA A 460 -0.94 4.16 -26.01
N GLY A 461 -1.57 5.14 -25.35
CA GLY A 461 -2.73 5.80 -25.91
C GLY A 461 -2.43 6.88 -26.93
N GLN A 462 -1.28 7.51 -26.79
CA GLN A 462 -0.98 8.70 -27.60
C GLN A 462 0.33 8.64 -28.38
N PHE A 463 1.31 7.90 -27.88
CA PHE A 463 2.63 8.01 -28.46
C PHE A 463 3.03 6.74 -29.19
N MET A 464 2.03 5.96 -29.59
CA MET A 464 2.30 4.83 -30.47
C MET A 464 1.50 5.01 -31.77
N SER A 465 1.44 6.25 -32.24
CA SER A 465 0.88 6.56 -33.55
C SER A 465 1.43 7.90 -34.04
N GLY A 466 0.98 8.32 -35.22
CA GLY A 466 1.48 9.55 -35.82
C GLY A 466 2.96 9.50 -36.16
N GLU A 467 3.68 10.54 -35.73
CA GLU A 467 5.08 10.70 -36.11
C GLU A 467 6.03 9.87 -35.24
N TRP A 468 5.51 9.33 -34.16
CA TRP A 468 6.33 8.61 -33.18
C TRP A 468 6.94 7.32 -33.71
N GLN A 469 8.26 7.23 -33.67
CA GLN A 469 8.93 5.98 -33.99
C GLN A 469 8.78 5.07 -32.77
N TYR A 470 8.73 3.76 -33.01
CA TYR A 470 8.77 2.78 -31.92
C TYR A 470 9.90 1.83 -32.22
N THR A 471 10.71 1.56 -31.21
CA THR A 471 11.82 0.63 -31.33
C THR A 471 11.92 -0.25 -30.10
N TYR A 472 12.03 -1.55 -30.31
CA TYR A 472 12.39 -2.43 -29.20
C TYR A 472 13.84 -2.82 -29.31
N ASP A 473 14.61 -2.39 -28.31
CA ASP A 473 16.02 -2.77 -28.20
C ASP A 473 16.12 -4.16 -27.57
N ALA A 474 16.45 -5.15 -28.39
CA ALA A 474 16.48 -6.55 -27.92
C ALA A 474 17.74 -6.87 -27.14
N THR A 475 18.76 -6.03 -27.27
CA THR A 475 19.98 -6.25 -26.49
C THR A 475 19.74 -5.81 -25.04
N ALA A 476 19.27 -4.59 -24.87
CA ALA A 476 18.94 -4.08 -23.54
C ALA A 476 17.67 -4.70 -22.96
N GLU A 477 16.76 -5.13 -23.86
CA GLU A 477 15.36 -5.49 -23.54
C GLU A 477 14.60 -4.25 -23.05
N ALA A 478 14.33 -3.33 -23.97
CA ALA A 478 13.79 -2.03 -23.62
C ALA A 478 13.18 -1.33 -24.81
N PRO A 479 11.90 -0.95 -24.71
CA PRO A 479 11.28 -0.19 -25.80
C PRO A 479 11.53 1.30 -25.67
N TYR A 480 11.45 2.04 -26.76
CA TYR A 480 11.43 3.49 -26.67
C TYR A 480 10.72 4.09 -27.86
N VAL A 481 10.14 5.26 -27.64
CA VAL A 481 9.48 5.99 -28.72
C VAL A 481 10.13 7.35 -28.88
N PHE A 482 10.17 7.80 -30.13
CA PHE A 482 10.91 9.01 -30.45
C PHE A 482 10.17 9.83 -31.50
N LYS A 483 9.98 11.11 -31.22
CA LYS A 483 9.33 12.01 -32.15
C LYS A 483 10.39 12.96 -32.70
N PRO A 484 10.87 12.69 -33.92
CA PRO A 484 12.04 13.38 -34.48
C PRO A 484 11.88 14.89 -34.62
N SER A 485 10.67 15.35 -34.90
CA SER A 485 10.46 16.76 -35.17
C SER A 485 10.64 17.64 -33.94
N THR A 486 10.35 17.08 -32.78
CA THR A 486 10.46 17.83 -31.52
C THR A 486 11.58 17.29 -30.66
N GLY A 487 12.12 16.15 -31.06
CA GLY A 487 13.18 15.50 -30.29
C GLY A 487 12.67 14.95 -28.97
N ASP A 488 11.38 14.62 -28.92
CA ASP A 488 10.84 13.95 -27.73
C ASP A 488 11.23 12.48 -27.71
N LEU A 489 11.88 12.08 -26.63
CA LEU A 489 12.38 10.71 -26.44
C LEU A 489 11.85 10.14 -25.13
N ILE A 490 11.18 8.99 -25.16
CA ILE A 490 10.61 8.40 -23.94
C ILE A 490 11.06 6.96 -23.78
N THR A 491 11.61 6.65 -22.61
CA THR A 491 12.04 5.32 -22.24
C THR A 491 11.12 4.72 -21.18
N PHE A 492 10.70 3.46 -21.40
CA PHE A 492 9.65 2.86 -20.60
C PHE A 492 9.73 1.34 -20.67
N ASP A 493 8.84 0.66 -19.94
CA ASP A 493 8.66 -0.79 -20.04
C ASP A 493 7.43 -1.07 -20.90
N ASP A 494 7.45 -2.12 -21.73
CA ASP A 494 6.22 -2.55 -22.38
C ASP A 494 6.02 -4.04 -22.15
N ALA A 495 5.01 -4.63 -22.78
CA ALA A 495 4.67 -6.03 -22.52
C ALA A 495 5.87 -6.93 -22.81
N ARG A 496 6.62 -6.62 -23.85
CA ARG A 496 7.78 -7.46 -24.18
C ARG A 496 8.95 -7.32 -23.19
N SER A 497 9.31 -6.10 -22.82
CA SER A 497 10.42 -5.92 -21.86
C SER A 497 10.03 -6.53 -20.50
N VAL A 498 8.76 -6.42 -20.14
CA VAL A 498 8.30 -7.06 -18.90
C VAL A 498 8.42 -8.58 -19.02
N GLN A 499 8.07 -9.10 -20.20
N GLN A 499 8.07 -9.11 -20.19
CA GLN A 499 8.21 -10.53 -20.46
CA GLN A 499 8.22 -10.53 -20.45
C GLN A 499 9.66 -10.99 -20.29
C GLN A 499 9.67 -10.99 -20.28
N ALA A 500 10.59 -10.20 -20.82
CA ALA A 500 12.03 -10.50 -20.65
C ALA A 500 12.41 -10.53 -19.16
N LYS A 501 11.87 -9.59 -18.38
CA LYS A 501 12.14 -9.55 -16.93
C LYS A 501 11.58 -10.78 -16.24
N GLY A 502 10.32 -11.12 -16.55
CA GLY A 502 9.70 -12.30 -15.97
C GLY A 502 10.48 -13.58 -16.25
N LYS A 503 10.84 -13.78 -17.51
CA LYS A 503 11.63 -14.94 -17.91
C LYS A 503 12.97 -14.95 -17.17
N TYR A 504 13.58 -13.77 -17.06
CA TYR A 504 14.82 -13.60 -16.32
C TYR A 504 14.64 -14.00 -14.86
N VAL A 505 13.54 -13.57 -14.26
CA VAL A 505 13.24 -13.96 -12.89
C VAL A 505 13.11 -15.48 -12.73
N LEU A 506 12.39 -16.12 -13.64
CA LEU A 506 12.23 -17.57 -13.59
C LEU A 506 13.57 -18.30 -13.81
N ASP A 507 14.32 -17.85 -14.80
N ASP A 507 14.33 -17.84 -14.80
CA ASP A 507 15.62 -18.44 -15.12
CA ASP A 507 15.62 -18.45 -15.12
C ASP A 507 16.56 -18.35 -13.92
C ASP A 507 16.60 -18.34 -13.94
N LYS A 508 16.65 -17.17 -13.31
CA LYS A 508 17.57 -16.94 -12.20
C LYS A 508 16.98 -17.29 -10.85
N GLN A 509 15.75 -17.78 -10.85
CA GLN A 509 15.04 -18.16 -9.62
C GLN A 509 14.96 -17.01 -8.62
N LEU A 510 14.62 -15.84 -9.14
CA LEU A 510 14.39 -14.67 -8.30
C LEU A 510 12.98 -14.74 -7.71
N GLY A 511 12.59 -13.73 -6.94
CA GLY A 511 11.37 -13.78 -6.17
C GLY A 511 10.11 -13.42 -6.94
N GLY A 512 10.25 -12.61 -7.98
CA GLY A 512 9.10 -12.21 -8.78
C GLY A 512 9.25 -10.82 -9.34
N LEU A 513 8.13 -10.14 -9.55
CA LEU A 513 8.14 -8.80 -10.12
C LEU A 513 7.25 -7.86 -9.30
N PHE A 514 7.60 -6.59 -9.29
CA PHE A 514 6.71 -5.59 -8.74
C PHE A 514 6.79 -4.32 -9.59
N SER A 515 5.81 -3.43 -9.41
CA SER A 515 5.75 -2.23 -10.22
C SER A 515 5.39 -1.00 -9.42
N ALA A 516 5.67 0.15 -10.03
CA ALA A 516 5.19 1.43 -9.57
C ALA A 516 4.79 2.26 -10.79
N MET A 517 3.67 3.00 -10.74
CA MET A 517 2.61 2.88 -9.74
C MET A 517 1.40 2.26 -10.45
N ILE A 518 0.54 1.58 -9.70
CA ILE A 518 -0.55 0.80 -10.31
C ILE A 518 -1.50 1.70 -11.12
N ASP A 519 -1.71 2.95 -10.69
CA ASP A 519 -2.65 3.82 -11.37
C ASP A 519 -2.28 4.11 -12.83
N ALA A 520 -0.99 3.99 -13.18
CA ALA A 520 -0.49 4.43 -14.49
C ALA A 520 -0.59 3.38 -15.62
N ASP A 521 -0.89 2.14 -15.25
CA ASP A 521 -0.98 1.03 -16.20
C ASP A 521 -2.36 1.02 -16.88
N ASN A 522 -2.42 0.57 -18.13
CA ASN A 522 -3.72 0.31 -18.73
C ASN A 522 -4.10 -1.18 -18.66
N GLY A 523 -3.21 -1.97 -18.06
CA GLY A 523 -3.41 -3.41 -17.96
C GLY A 523 -2.30 -4.20 -18.63
N ASP A 524 -1.74 -3.65 -19.71
CA ASP A 524 -0.67 -4.31 -20.47
C ASP A 524 0.50 -4.77 -19.59
N ILE A 525 0.93 -3.89 -18.69
CA ILE A 525 2.12 -4.19 -17.89
C ILE A 525 1.87 -5.28 -16.84
N LEU A 526 0.80 -5.13 -16.07
CA LEU A 526 0.45 -6.14 -15.08
C LEU A 526 0.04 -7.47 -15.75
N ASN A 527 -0.63 -7.42 -16.90
CA ASN A 527 -0.94 -8.65 -17.63
C ASN A 527 0.33 -9.41 -17.92
N SER A 528 1.32 -8.70 -18.46
CA SER A 528 2.60 -9.30 -18.82
C SER A 528 3.41 -9.77 -17.61
N MET A 529 3.37 -9.01 -16.51
CA MET A 529 4.00 -9.45 -15.27
C MET A 529 3.48 -10.83 -14.85
N ASN A 530 2.15 -10.97 -14.86
CA ASN A 530 1.51 -12.23 -14.53
C ASN A 530 1.84 -13.36 -15.49
N ALA A 531 1.63 -13.12 -16.79
CA ALA A 531 1.87 -14.12 -17.81
C ALA A 531 3.33 -14.60 -17.79
N SER A 532 4.26 -13.65 -17.73
CA SER A 532 5.67 -13.99 -17.86
C SER A 532 6.20 -14.77 -16.65
N LEU A 533 5.53 -14.67 -15.51
CA LEU A 533 5.98 -15.42 -14.34
C LEU A 533 5.31 -16.79 -14.30
N GLY A 534 4.46 -17.05 -15.28
CA GLY A 534 3.86 -18.36 -15.44
C GLY A 534 2.51 -18.51 -14.75
N ASN A 535 1.93 -17.40 -14.31
CA ASN A 535 0.57 -17.46 -13.74
C ASN A 535 -0.42 -17.86 -14.81
N SER A 536 -1.36 -18.74 -14.44
CA SER A 536 -2.36 -19.24 -15.37
C SER A 536 -3.48 -18.23 -15.60
N ALA A 537 -3.92 -18.12 -16.86
CA ALA A 537 -5.05 -17.28 -17.20
C ALA A 537 -6.30 -17.81 -16.52
N GLY A 538 -7.26 -16.93 -16.26
CA GLY A 538 -8.54 -17.33 -15.70
C GLY A 538 -8.68 -16.93 -14.25
N VAL A 539 -9.85 -17.19 -13.67
CA VAL A 539 -10.10 -16.84 -12.28
C VAL A 539 -9.94 -18.09 -11.40
N GLN A 540 -9.47 -17.91 -10.16
CA GLN A 540 -9.27 -19.03 -9.25
C GLN A 540 -10.55 -19.40 -8.50
C1 NDG B . 16.18 9.12 -9.14
C2 NDG B . 14.98 8.60 -8.31
C3 NDG B . 13.74 9.48 -8.51
C4 NDG B . 14.07 10.93 -8.35
C5 NDG B . 15.28 11.26 -9.22
C6 NDG B . 15.64 12.71 -9.11
C7 NDG B . 15.10 6.19 -7.81
C8 NDG B . 14.77 4.77 -8.16
O5 NDG B . 16.37 10.47 -8.85
O3 NDG B . 12.80 9.07 -7.56
O4 NDG B . 13.01 11.75 -8.81
O6 NDG B . 16.83 12.95 -9.89
O7 NDG B . 15.78 6.45 -6.81
N2 NDG B . 14.65 7.28 -8.66
O1 NDG B . 15.96 8.94 -10.53
C1 NAG B . 12.08 12.04 -7.78
C2 NAG B . 11.42 13.37 -8.05
C3 NAG B . 10.35 13.62 -7.03
C4 NAG B . 9.36 12.42 -6.99
C5 NAG B . 10.12 11.15 -6.78
C6 NAG B . 9.20 9.94 -6.89
C7 NAG B . 12.97 14.97 -9.13
C8 NAG B . 14.00 16.09 -9.02
N2 NAG B . 12.39 14.42 -7.97
O3 NAG B . 9.65 14.81 -7.36
O4 NAG B . 8.47 12.60 -5.95
O5 NAG B . 11.11 11.04 -7.78
O6 NAG B . 9.95 8.74 -6.72
O7 NAG B . 12.66 14.54 -10.26
C1 NAG B . 7.15 12.85 -6.03
C1 NAG B . 7.10 12.67 -6.10
C2 NAG B . 6.36 12.46 -4.78
C2 NAG B . 6.44 12.39 -4.76
C3 NAG B . 4.88 12.73 -4.92
C3 NAG B . 4.95 12.73 -4.82
C4 NAG B . 4.60 14.11 -5.46
C4 NAG B . 4.69 14.11 -5.42
C5 NAG B . 5.44 14.38 -6.71
C5 NAG B . 5.51 14.33 -6.68
C6 NAG B . 5.21 15.79 -7.25
C6 NAG B . 5.36 15.76 -7.20
C7 NAG B . 7.02 10.59 -3.35
C7 NAG B . 7.32 10.53 -3.42
C8 NAG B . 7.10 9.10 -3.22
C8 NAG B . 7.16 9.07 -3.13
N2 NAG B . 6.56 11.05 -4.51
N2 NAG B . 6.56 10.98 -4.42
O3 NAG B . 4.28 12.58 -3.63
O3 NAG B . 4.46 12.69 -3.47
O4 NAG B . 3.23 14.15 -5.86
O4 NAG B . 3.31 14.13 -5.84
O5 NAG B . 6.82 14.18 -6.43
O5 NAG B . 6.89 14.03 -6.46
O6 NAG B . 5.56 16.75 -6.25
O6 NAG B . 5.65 16.69 -6.15
O7 NAG B . 7.36 11.34 -2.45
O7 NAG B . 8.08 11.24 -2.78
C1 NAG B . 2.44 15.01 -5.02
C1 NAG B . 2.50 14.97 -5.02
C2 NAG B . 1.08 15.14 -5.68
C2 NAG B . 1.15 15.09 -5.70
C3 NAG B . 0.08 15.91 -4.82
C3 NAG B . 0.12 15.84 -4.85
C4 NAG B . 0.08 15.44 -3.36
C4 NAG B . 0.11 15.36 -3.39
C5 NAG B . 1.51 15.31 -2.86
C5 NAG B . 1.53 15.23 -2.86
C6 NAG B . 1.59 14.79 -1.42
C6 NAG B . 1.59 14.69 -1.44
C7 NAG B . 1.34 15.14 -8.11
C7 NAG B . 1.35 15.13 -8.13
C8 NAG B . 1.59 15.98 -9.33
C8 NAG B . 1.59 15.98 -9.35
N2 NAG B . 1.20 15.81 -6.96
N2 NAG B . 1.30 15.78 -6.97
O3 NAG B . -1.22 15.76 -5.40
O3 NAG B . -1.15 15.66 -5.45
O4 NAG B . -0.53 16.43 -2.53
O4 NAG B . -0.51 16.35 -2.57
O5 NAG B . 2.30 14.47 -3.71
O5 NAG B . 2.35 14.41 -3.71
O6 NAG B . 2.86 15.18 -0.86
O6 NAG B . 2.86 15.05 -0.87
O7 NAG B . 1.25 13.93 -8.17
O7 NAG B . 1.20 13.91 -8.21
C1 NAG B . -1.96 16.35 -2.49
C1 NAG B . -1.94 16.25 -2.55
C2 NAG B . -2.46 16.87 -1.16
C2 NAG B . -2.44 16.78 -1.20
C3 NAG B . -3.98 16.91 -1.10
C3 NAG B . -3.98 16.77 -1.15
C4 NAG B . -4.59 17.58 -2.34
C4 NAG B . -4.57 17.47 -2.38
C5 NAG B . -3.96 17.01 -3.60
C5 NAG B . -3.93 16.93 -3.66
C6 NAG B . -4.48 17.72 -4.84
C6 NAG B . -4.44 17.68 -4.89
C7 NAG B . -1.01 16.50 0.80
C7 NAG B . -1.04 16.49 0.79
C8 NAG B . -0.46 15.49 1.76
C8 NAG B . -0.48 15.52 1.77
N2 NAG B . -1.90 16.05 -0.08
N2 NAG B . -1.88 15.99 -0.12
O3 NAG B . -4.36 17.64 0.09
O3 NAG B . -4.37 17.43 0.06
O4 NAG B . -5.96 17.24 -2.54
O4 NAG B . -5.95 17.16 -2.59
O5 NAG B . -2.54 17.11 -3.55
O5 NAG B . -2.51 17.02 -3.60
O6 NAG B . -3.83 17.17 -5.99
O6 NAG B . -3.79 17.14 -6.04
O7 NAG B . -0.65 17.68 0.84
O7 NAG B . -0.76 17.69 0.82
C1 NAG B . -6.86 17.89 -1.65
C1 NAG B . -6.82 17.84 -1.69
C2 NAG B . -8.19 18.10 -2.36
C2 NAG B . -8.16 18.10 -2.39
C3 NAG B . -9.26 18.62 -1.41
C3 NAG B . -9.21 18.63 -1.41
C4 NAG B . -9.30 17.82 -0.11
C4 NAG B . -9.25 17.82 -0.12
C5 NAG B . -7.90 17.67 0.48
C5 NAG B . -7.85 17.66 0.45
C6 NAG B . -7.87 16.79 1.71
C6 NAG B . -7.82 16.77 1.69
C7 NAG B . -8.10 18.66 -4.74
C7 NAG B . -8.06 18.68 -4.75
C8 NAG B . -7.63 19.67 -5.75
C8 NAG B . -7.65 19.73 -5.75
N2 NAG B . -8.01 19.04 -3.46
N2 NAG B . -7.97 19.04 -3.47
O3 NAG B . -10.52 18.50 -2.07
O3 NAG B . -10.48 18.55 -2.06
O4 NAG B . -10.14 18.49 0.84
O4 NAG B . -10.07 18.49 0.84
O5 NAG B . -7.05 17.09 -0.49
O5 NAG B . -7.02 17.04 -0.53
O6 NAG B . -6.51 16.63 2.14
O6 NAG B . -6.45 16.60 2.11
O7 NAG B . -8.54 17.57 -5.06
O7 NAG B . -8.46 17.58 -5.08
C1 GOL C . 16.28 9.54 -13.34
C1 GOL C . 17.03 9.14 -11.39
O1 GOL C . 17.56 8.90 -13.35
O1 GOL C . 18.42 8.84 -11.26
C2 GOL C . 16.47 11.04 -13.15
C2 GOL C . 16.80 9.70 -12.80
O2 GOL C . 17.54 11.48 -14.00
O2 GOL C . 17.86 10.60 -13.11
C3 GOL C . 15.18 11.79 -13.51
C3 GOL C . 15.45 10.41 -12.87
O3 GOL C . 14.92 12.82 -12.55
O3 GOL C . 15.55 11.59 -13.67
C1 GOL D . 23.15 9.31 -15.51
C1 GOL D . 22.80 9.84 -15.51
O1 GOL D . 23.47 10.68 -15.23
O1 GOL D . 23.81 8.90 -15.92
C2 GOL D . 21.77 8.98 -14.93
C2 GOL D . 21.45 9.14 -15.39
O2 GOL D . 21.84 8.92 -13.50
O2 GOL D . 21.49 8.19 -14.31
C3 GOL D . 20.80 10.08 -15.36
C3 GOL D . 20.33 10.16 -15.14
O3 GOL D . 19.65 10.15 -14.51
O3 GOL D . 20.26 10.56 -13.76
C1 GOL E . -8.46 5.15 -16.59
O1 GOL E . -8.72 6.41 -17.25
C2 GOL E . -8.72 5.25 -15.09
O2 GOL E . -10.11 5.46 -14.82
C3 GOL E . -7.94 6.42 -14.50
O3 GOL E . -8.46 6.70 -13.18
C1 GOL F . -19.09 1.52 19.44
C1 GOL F . -19.30 4.03 17.35
O1 GOL F . -17.96 1.98 20.20
O1 GOL F . -19.73 2.75 17.80
C2 GOL F . -20.06 2.62 19.02
C2 GOL F . -20.50 4.90 16.96
O2 GOL F . -20.68 3.21 20.17
O2 GOL F . -21.49 4.87 18.00
C3 GOL F . -19.31 3.68 18.20
C3 GOL F . -21.12 4.37 15.68
O3 GOL F . -20.18 4.27 17.23
O3 GOL F . -20.12 4.22 14.66
C1 GOL G . -18.58 -12.09 14.02
O1 GOL G . -18.58 -12.98 15.14
C2 GOL G . -19.89 -12.21 13.23
O2 GOL G . -19.62 -12.79 11.94
C3 GOL G . -20.88 -13.09 13.99
O3 GOL G . -22.16 -13.04 13.32
C1 GOL H . -35.73 -1.73 13.85
O1 GOL H . -35.04 -2.60 14.77
C2 GOL H . -36.66 -2.53 12.96
O2 GOL H . -35.88 -3.50 12.22
C3 GOL H . -37.68 -3.22 13.84
O3 GOL H . -38.05 -2.31 14.88
C1 GOL I . -17.45 5.71 14.14
O1 GOL I . -16.86 5.94 15.42
C2 GOL I . -18.30 6.92 13.74
O2 GOL I . -17.45 8.01 13.37
C3 GOL I . -19.19 6.58 12.55
O3 GOL I . -20.12 7.65 12.41
C1 GOL J . 7.04 19.47 19.35
O1 GOL J . 6.84 19.80 20.74
C2 GOL J . 6.85 17.98 19.09
O2 GOL J . 8.06 17.26 19.39
C3 GOL J . 6.47 17.78 17.63
O3 GOL J . 5.05 17.57 17.51
C1 GOL K . -4.37 6.89 18.25
O1 GOL K . -4.47 8.11 17.52
C2 GOL K . -3.22 6.09 17.64
O2 GOL K . -2.02 6.33 18.38
C3 GOL K . -3.59 4.61 17.67
O3 GOL K . -2.92 3.96 16.59
C1 GOL L . -34.85 -15.79 34.61
O1 GOL L . -34.22 -15.35 33.40
C2 GOL L . -36.22 -15.12 34.73
O2 GOL L . -36.40 -14.64 36.06
C3 GOL L . -37.33 -16.09 34.32
O3 GOL L . -37.33 -17.26 35.15
C1 GOL M . 9.55 -18.15 12.45
O1 GOL M . 10.04 -17.12 11.60
C2 GOL M . 8.23 -17.75 13.12
O2 GOL M . 7.91 -18.68 14.17
C3 GOL M . 8.34 -16.36 13.76
O3 GOL M . 7.07 -15.98 14.31
C1 GOL N . 12.15 -13.70 7.70
O1 GOL N . 11.70 -14.66 8.68
C2 GOL N . 12.47 -14.38 6.38
O2 GOL N . 13.48 -15.39 6.60
C3 GOL N . 11.21 -15.01 5.80
O3 GOL N . 11.39 -15.27 4.40
C1 GOL O . 2.85 0.65 -32.05
O1 GOL O . 4.07 1.28 -32.47
C2 GOL O . 3.08 -0.82 -31.72
O2 GOL O . 3.83 -1.43 -32.78
C3 GOL O . 3.84 -0.92 -30.39
O3 GOL O . 3.91 -2.29 -29.97
C1 GOL P . 21.50 14.80 -35.12
O1 GOL P . 21.97 13.46 -34.96
C2 GOL P . 20.01 14.81 -35.37
O2 GOL P . 19.72 14.26 -36.68
C3 GOL P . 19.50 16.23 -35.30
O3 GOL P . 20.17 16.87 -34.19
C1 GOL Q . 6.10 -15.65 -3.29
O1 GOL Q . 6.75 -15.45 -2.02
C2 GOL Q . 4.62 -15.20 -3.28
O2 GOL Q . 4.23 -14.67 -2.01
C3 GOL Q . 3.74 -16.39 -3.66
O3 GOL Q . 2.37 -15.98 -3.61
C1 NAG R . 15.85 8.87 -9.22
C2 NAG R . 14.84 8.50 -8.16
C3 NAG R . 13.63 9.42 -8.28
C4 NAG R . 14.05 10.89 -8.25
C5 NAG R . 15.23 11.14 -9.17
C6 NAG R . 15.74 12.56 -9.04
C7 NAG R . 15.08 6.15 -7.65
C8 NAG R . 14.45 4.78 -7.69
N2 NAG R . 14.44 7.11 -8.30
O1 NAG R . 16.95 7.96 -9.20
O3 NAG R . 12.76 9.10 -7.20
O4 NAG R . 13.02 11.75 -8.72
O5 NAG R . 16.28 10.21 -8.93
O6 NAG R . 16.86 12.73 -9.92
O7 NAG R . 16.13 6.37 -7.07
C1 NAG S . 12.03 12.07 -7.75
C2 NAG S . 11.40 13.43 -8.05
C3 NAG S . 10.31 13.70 -7.02
C4 NAG S . 9.32 12.54 -6.91
C5 NAG S . 10.04 11.20 -6.78
C6 NAG S . 9.09 10.01 -6.88
C7 NAG S . 12.97 14.96 -9.13
C8 NAG S . 13.80 16.20 -8.94
N2 NAG S . 12.40 14.48 -8.02
O3 NAG S . 9.62 14.91 -7.37
O4 NAG S . 8.55 12.72 -5.72
O5 NAG S . 11.01 11.07 -7.82
O6 NAG S . 9.85 8.81 -6.73
O7 NAG S . 12.84 14.43 -10.22
#